data_5KYA
#
_entry.id   5KYA
#
_cell.length_a   68.439
_cell.length_b   101.089
_cell.length_c   143.580
_cell.angle_alpha   90.00
_cell.angle_beta   90.00
_cell.angle_gamma   90.00
#
_symmetry.space_group_name_H-M   'P 21 21 21'
#
loop_
_entity.id
_entity.type
_entity.pdbx_description
1 polymer 'Oxysterols receptor LXR-beta'
2 polymer 'Retinoic acid receptor RXR-beta'
3 non-polymer [2-[(6~{R})-2-(3-methylsulfonylphenyl)-6-propan-2-yl-4,6-dihydropyrrolo[3,4-c]pyrazol-5-yl]-4-(trifluoromethyl)pyrimidin-5-yl]methanol
4 water water
#
loop_
_entity_poly.entity_id
_entity_poly.type
_entity_poly.pdbx_seq_one_letter_code
_entity_poly.pdbx_strand_id
1 'polypeptide(L)'
;MGSSHHHHHHSSGLVPRGSHMGEGVQLTAAQELMIQQLVAAQLQCNKRSFSDQPKVTPWPLGADPASGSASQQRFAHFTE
LAIISVQEIVDFAKQVPGFLQLGREDQIALLKASTIEIMLLETARRYNHETECITFLKDFTYSKDDFHRAGLQVEFINPI
FEFSRAMRRLGLDDAEYALLIAINIFSADRPNVQEPGRVEALQQPYVEALLSYTRIKRPQDQLRFPRMLMKLVSLRTLSS
VHSEQVFALRLQDKKLPPLLSEIWDVHEGSGSGSHKILHRLLQDSSS
;
A,E
2 'polypeptide(L)'
;HMGAPEEMPVDRILEAELAVEQKSDQGVEGPGGTGGSGSSPNDPVTNICQAADKQLFTLVEWAKRIPHFSSLPLDDQVIL
LRAGWNELLIASFSHRSIDVRDGILLATGLHVHRNSAHSAGVGAIFDRVLTELVSKMRDMRMDKTELGCLRAIILFNPDA
KGLSNPSEVEVLREKVYASLETYCKQKYPEQQGRFAKLLLRLPALRSIGLKCLEHLFFFKLIGDTPIDTFLMEMLEAGSG
SGSHKILHRLLQDSSS
;
B,F
#
# COMPACT_ATOMS: atom_id res chain seq x y z
N VAL A 25 -18.37 -34.08 -3.77
CA VAL A 25 -18.52 -35.38 -3.03
C VAL A 25 -17.80 -36.52 -3.75
N GLN A 26 -17.89 -36.60 -5.08
CA GLN A 26 -17.32 -37.76 -5.81
C GLN A 26 -16.72 -37.58 -7.19
N LEU A 27 -15.74 -38.45 -7.44
CA LEU A 27 -15.01 -38.46 -8.70
C LEU A 27 -15.47 -39.67 -9.50
N THR A 28 -16.08 -39.45 -10.64
CA THR A 28 -16.47 -40.53 -11.49
C THR A 28 -15.21 -41.14 -12.11
N ALA A 29 -15.30 -42.42 -12.45
CA ALA A 29 -14.21 -43.07 -13.14
C ALA A 29 -13.90 -42.27 -14.39
N ALA A 30 -14.93 -41.83 -15.09
CA ALA A 30 -14.75 -41.01 -16.28
C ALA A 30 -13.98 -39.74 -15.96
N GLN A 31 -14.33 -39.08 -14.86
CA GLN A 31 -13.62 -37.88 -14.46
C GLN A 31 -12.17 -38.16 -14.16
N GLU A 32 -11.91 -39.28 -13.48
CA GLU A 32 -10.57 -39.65 -13.08
C GLU A 32 -9.76 -39.90 -14.31
N LEU A 33 -10.35 -40.61 -15.25
CA LEU A 33 -9.64 -40.99 -16.48
C LEU A 33 -9.35 -39.81 -17.37
N MET A 34 -10.27 -38.87 -17.42
CA MET A 34 -10.02 -37.65 -18.15
C MET A 34 -8.88 -36.81 -17.50
N ILE A 35 -8.85 -36.72 -16.18
CA ILE A 35 -7.82 -35.93 -15.55
C ILE A 35 -6.45 -36.59 -15.78
N GLN A 36 -6.44 -37.91 -15.73
CA GLN A 36 -5.21 -38.68 -15.98
C GLN A 36 -4.69 -38.42 -17.40
N GLN A 37 -5.59 -38.34 -18.35
CA GLN A 37 -5.23 -38.12 -19.74
C GLN A 37 -4.60 -36.74 -19.92
N LEU A 38 -5.16 -35.73 -19.23
CA LEU A 38 -4.64 -34.39 -19.35
C LEU A 38 -3.25 -34.31 -18.73
N VAL A 39 -3.09 -34.90 -17.56
CA VAL A 39 -1.79 -34.87 -16.90
C VAL A 39 -0.76 -35.63 -17.71
N ALA A 40 -1.17 -36.75 -18.29
CA ALA A 40 -0.25 -37.52 -19.16
C ALA A 40 0.13 -36.71 -20.41
N ALA A 41 -0.83 -35.97 -20.95
CA ALA A 41 -0.59 -35.19 -22.15
C ALA A 41 0.39 -34.02 -21.88
N GLN A 42 0.31 -33.43 -20.69
CA GLN A 42 1.28 -32.40 -20.36
C GLN A 42 2.66 -32.96 -20.29
N LEU A 43 2.84 -34.11 -19.62
CA LEU A 43 4.16 -34.68 -19.47
C LEU A 43 4.77 -35.04 -20.82
N GLN A 44 3.94 -35.61 -21.67
CA GLN A 44 4.36 -35.97 -23.01
C GLN A 44 4.78 -34.71 -23.78
N CYS A 45 4.00 -33.64 -23.67
CA CYS A 45 4.37 -32.41 -24.33
C CYS A 45 5.63 -31.78 -23.73
N ASN A 46 5.84 -31.89 -22.43
CA ASN A 46 7.10 -31.40 -21.84
C ASN A 46 8.32 -32.11 -22.43
N LYS A 47 8.24 -33.43 -22.67
CA LYS A 47 9.39 -34.20 -23.17
C LYS A 47 9.84 -33.67 -24.53
N ARG A 48 8.86 -33.47 -25.40
CA ARG A 48 9.09 -32.92 -26.74
C ARG A 48 9.84 -31.60 -26.71
N SER A 49 9.40 -30.69 -25.84
CA SER A 49 10.05 -29.39 -25.66
C SER A 49 11.48 -29.56 -25.19
N PHE A 50 11.71 -30.44 -24.22
CA PHE A 50 13.06 -30.69 -23.73
C PHE A 50 14.03 -31.22 -24.84
N SER A 51 13.55 -32.04 -25.79
CA SER A 51 14.35 -32.42 -26.99
C SER A 51 14.92 -31.20 -27.72
N ASP A 52 14.12 -30.13 -27.77
CA ASP A 52 14.48 -28.87 -28.45
C ASP A 52 15.42 -27.94 -27.68
N GLN A 53 15.94 -28.41 -26.54
CA GLN A 53 16.83 -27.57 -25.70
C GLN A 53 18.11 -27.13 -26.38
N PRO A 54 18.88 -28.08 -26.99
CA PRO A 54 20.13 -27.67 -27.64
C PRO A 54 19.91 -26.77 -28.86
N LYS A 55 18.65 -26.60 -29.28
CA LYS A 55 18.34 -25.81 -30.45
C LYS A 55 18.39 -24.28 -30.14
N VAL A 56 18.24 -23.93 -28.86
CA VAL A 56 18.02 -22.53 -28.44
C VAL A 56 19.34 -21.74 -28.46
N THR A 57 19.33 -20.54 -29.02
CA THR A 57 20.43 -19.60 -28.85
C THR A 57 20.90 -19.61 -27.39
N PRO A 58 22.19 -19.88 -27.17
CA PRO A 58 22.61 -19.94 -25.76
C PRO A 58 22.59 -18.56 -25.08
N TRP A 59 22.39 -18.60 -23.78
CA TRP A 59 22.37 -17.40 -22.98
C TRP A 59 23.80 -16.85 -22.89
N PRO A 60 24.04 -15.58 -23.30
CA PRO A 60 25.40 -15.04 -23.33
C PRO A 60 26.04 -15.07 -21.95
N LEU A 61 27.35 -15.27 -21.91
CA LEU A 61 28.00 -15.69 -20.69
C LEU A 61 28.68 -14.54 -19.95
N GLY A 68 26.82 -4.41 -28.09
CA GLY A 68 25.46 -4.57 -27.57
C GLY A 68 24.74 -5.87 -27.94
N SER A 69 25.42 -6.83 -28.53
CA SER A 69 24.79 -8.06 -29.02
C SER A 69 24.59 -9.18 -27.98
N ALA A 70 25.03 -8.99 -26.74
CA ALA A 70 24.60 -9.90 -25.67
C ALA A 70 23.13 -9.61 -25.36
N SER A 71 22.74 -8.34 -25.38
CA SER A 71 21.32 -8.00 -25.30
C SER A 71 20.50 -8.67 -26.38
N GLN A 72 20.95 -8.54 -27.63
CA GLN A 72 20.21 -9.11 -28.75
C GLN A 72 20.15 -10.60 -28.59
N GLN A 73 21.20 -11.19 -28.04
CA GLN A 73 21.21 -12.64 -27.80
C GLN A 73 20.24 -13.12 -26.72
N ARG A 74 20.15 -12.37 -25.64
CA ARG A 74 19.23 -12.71 -24.59
C ARG A 74 17.79 -12.59 -25.08
N PHE A 75 17.53 -11.57 -25.90
CA PHE A 75 16.19 -11.37 -26.45
C PHE A 75 15.84 -12.49 -27.39
N ALA A 76 16.82 -12.94 -28.15
CA ALA A 76 16.61 -14.05 -29.07
C ALA A 76 16.35 -15.32 -28.29
N HIS A 77 17.14 -15.51 -27.25
CA HIS A 77 16.99 -16.66 -26.39
C HIS A 77 15.54 -16.76 -25.85
N PHE A 78 15.05 -15.67 -25.25
CA PHE A 78 13.71 -15.64 -24.65
C PHE A 78 12.62 -15.88 -25.68
N THR A 79 12.81 -15.23 -26.82
CA THR A 79 11.89 -15.38 -27.91
C THR A 79 11.80 -16.84 -28.36
N GLU A 80 12.92 -17.54 -28.31
CA GLU A 80 12.92 -18.93 -28.74
C GLU A 80 12.17 -19.81 -27.76
N LEU A 81 12.32 -19.54 -26.49
CA LEU A 81 11.56 -20.27 -25.48
C LEU A 81 10.04 -20.01 -25.62
N ALA A 82 9.67 -18.77 -25.90
CA ALA A 82 8.28 -18.47 -26.14
C ALA A 82 7.75 -19.37 -27.28
N ILE A 83 8.47 -19.41 -28.41
CA ILE A 83 8.07 -20.26 -29.53
C ILE A 83 7.86 -21.72 -29.13
N ILE A 84 8.81 -22.26 -28.39
CA ILE A 84 8.70 -23.65 -28.02
C ILE A 84 7.45 -23.82 -27.15
N SER A 85 7.20 -22.85 -26.30
CA SER A 85 6.02 -22.91 -25.45
C SER A 85 4.74 -22.94 -26.29
N VAL A 86 4.69 -22.17 -27.39
CA VAL A 86 3.51 -22.11 -28.22
C VAL A 86 3.31 -23.45 -28.86
N GLN A 87 4.38 -24.04 -29.35
CA GLN A 87 4.32 -25.38 -29.94
C GLN A 87 3.84 -26.38 -28.89
N GLU A 88 4.31 -26.21 -27.67
CA GLU A 88 3.92 -27.15 -26.62
C GLU A 88 2.42 -27.05 -26.32
N ILE A 89 1.91 -25.83 -26.34
CA ILE A 89 0.53 -25.56 -26.06
C ILE A 89 -0.34 -26.14 -27.16
N VAL A 90 0.11 -26.02 -28.38
CA VAL A 90 -0.63 -26.61 -29.51
C VAL A 90 -0.71 -28.12 -29.43
N ASP A 91 0.40 -28.82 -29.20
CA ASP A 91 0.34 -30.28 -29.03
C ASP A 91 -0.58 -30.63 -27.87
N PHE A 92 -0.52 -29.87 -26.79
CA PHE A 92 -1.37 -30.18 -25.67
C PHE A 92 -2.86 -30.06 -26.03
N ALA A 93 -3.25 -28.97 -26.70
CA ALA A 93 -4.67 -28.77 -27.02
C ALA A 93 -5.24 -29.91 -27.87
N LYS A 94 -4.46 -30.32 -28.87
CA LYS A 94 -4.81 -31.46 -29.73
C LYS A 94 -5.12 -32.72 -28.96
N GLN A 95 -4.60 -32.86 -27.76
CA GLN A 95 -4.87 -34.03 -26.96
C GLN A 95 -5.94 -33.81 -25.93
N VAL A 96 -6.50 -32.60 -25.86
CA VAL A 96 -7.58 -32.35 -24.94
C VAL A 96 -8.84 -32.89 -25.61
N PRO A 97 -9.42 -33.96 -25.07
CA PRO A 97 -10.60 -34.56 -25.67
C PRO A 97 -11.70 -33.54 -25.93
N GLY A 98 -12.04 -33.42 -27.21
CA GLY A 98 -13.05 -32.48 -27.68
C GLY A 98 -12.46 -31.48 -28.62
N PHE A 99 -11.21 -31.10 -28.36
CA PHE A 99 -10.66 -29.96 -29.06
C PHE A 99 -10.61 -30.20 -30.55
N LEU A 100 -10.30 -31.43 -30.95
CA LEU A 100 -10.18 -31.73 -32.37
C LEU A 100 -11.51 -31.80 -33.09
N GLN A 101 -12.58 -31.98 -32.35
CA GLN A 101 -13.91 -31.99 -32.95
C GLN A 101 -14.46 -30.60 -33.29
N LEU A 102 -13.77 -29.53 -32.92
CA LEU A 102 -14.18 -28.20 -33.31
C LEU A 102 -13.62 -27.93 -34.67
N GLY A 103 -14.19 -26.94 -35.35
CA GLY A 103 -13.67 -26.49 -36.65
C GLY A 103 -12.32 -25.81 -36.51
N ARG A 104 -11.57 -25.77 -37.61
CA ARG A 104 -10.20 -25.32 -37.56
C ARG A 104 -10.08 -23.82 -37.29
N GLU A 105 -11.08 -23.05 -37.66
CA GLU A 105 -11.01 -21.63 -37.39
C GLU A 105 -11.27 -21.31 -35.91
N ASP A 106 -12.08 -22.13 -35.23
CA ASP A 106 -12.33 -21.95 -33.79
C ASP A 106 -11.15 -22.44 -32.96
N GLN A 107 -10.61 -23.60 -33.31
CA GLN A 107 -9.37 -24.08 -32.72
C GLN A 107 -8.30 -22.98 -32.74
N ILE A 108 -8.17 -22.27 -33.86
CA ILE A 108 -7.17 -21.22 -34.00
C ILE A 108 -7.50 -20.01 -33.12
N ALA A 109 -8.77 -19.62 -33.12
CA ALA A 109 -9.24 -18.47 -32.36
C ALA A 109 -9.08 -18.71 -30.86
N LEU A 110 -9.37 -19.92 -30.40
CA LEU A 110 -9.16 -20.28 -29.00
C LEU A 110 -7.67 -20.29 -28.61
N LEU A 111 -6.81 -20.83 -29.44
CA LEU A 111 -5.37 -20.79 -29.16
C LEU A 111 -4.74 -19.38 -29.26
N LYS A 112 -5.18 -18.56 -30.20
CA LYS A 112 -4.68 -17.20 -30.34
C LYS A 112 -4.87 -16.44 -29.05
N ALA A 113 -6.08 -16.51 -28.52
CA ALA A 113 -6.45 -15.78 -27.33
C ALA A 113 -5.84 -16.34 -26.03
N SER A 114 -5.70 -17.66 -25.94
CA SER A 114 -5.41 -18.29 -24.67
C SER A 114 -3.94 -18.55 -24.46
N THR A 115 -3.16 -18.51 -25.54
CA THR A 115 -1.74 -18.83 -25.48
C THR A 115 -0.97 -18.02 -24.45
N ILE A 116 -1.09 -16.71 -24.51
CA ILE A 116 -0.36 -15.90 -23.55
C ILE A 116 -0.78 -16.31 -22.10
N GLU A 117 -2.06 -16.58 -21.91
CA GLU A 117 -2.59 -16.90 -20.59
C GLU A 117 -2.01 -18.22 -20.11
N ILE A 118 -2.00 -19.20 -20.97
CA ILE A 118 -1.50 -20.49 -20.62
C ILE A 118 0.01 -20.35 -20.45
N MET A 119 0.67 -19.53 -21.26
CA MET A 119 2.11 -19.25 -21.04
C MET A 119 2.36 -18.76 -19.62
N LEU A 120 1.51 -17.86 -19.16
CA LEU A 120 1.64 -17.37 -17.82
C LEU A 120 1.40 -18.45 -16.77
N LEU A 121 0.37 -19.27 -16.93
CA LEU A 121 0.16 -20.38 -16.00
C LEU A 121 1.35 -21.27 -15.96
N GLU A 122 1.85 -21.69 -17.12
CA GLU A 122 2.95 -22.58 -17.17
C GLU A 122 4.18 -21.88 -16.58
N THR A 123 4.28 -20.57 -16.72
CA THR A 123 5.41 -19.83 -16.17
C THR A 123 5.38 -19.88 -14.65
N ALA A 124 4.21 -19.60 -14.07
CA ALA A 124 4.01 -19.63 -12.63
C ALA A 124 4.37 -20.97 -12.06
N ARG A 125 3.93 -21.99 -12.75
CA ARG A 125 4.19 -23.36 -12.35
C ARG A 125 5.67 -23.65 -12.18
N ARG A 126 6.54 -22.95 -12.93
CA ARG A 126 7.98 -23.17 -12.86
C ARG A 126 8.67 -22.13 -11.98
N TYR A 127 7.94 -21.46 -11.13
CA TYR A 127 8.50 -20.51 -10.25
C TYR A 127 8.89 -21.21 -8.95
N ASN A 128 10.08 -20.93 -8.47
CA ASN A 128 10.55 -21.42 -7.21
C ASN A 128 10.60 -20.23 -6.27
N HIS A 129 9.93 -20.32 -5.14
CA HIS A 129 9.78 -19.19 -4.25
C HIS A 129 11.04 -18.99 -3.43
N GLU A 130 11.83 -20.05 -3.24
CA GLU A 130 13.08 -19.94 -2.50
C GLU A 130 14.12 -19.21 -3.29
N THR A 131 14.23 -19.46 -4.58
CA THR A 131 15.20 -18.71 -5.37
C THR A 131 14.64 -17.48 -6.04
N GLU A 132 13.31 -17.33 -6.02
CA GLU A 132 12.64 -16.24 -6.75
C GLU A 132 12.98 -16.26 -8.21
N CYS A 133 13.18 -17.46 -8.74
CA CYS A 133 13.55 -17.67 -10.15
C CYS A 133 12.53 -18.58 -10.82
N ILE A 134 12.50 -18.48 -12.15
CA ILE A 134 11.64 -19.28 -12.96
C ILE A 134 12.55 -20.16 -13.75
N THR A 135 12.16 -21.42 -13.90
CA THR A 135 12.97 -22.37 -14.63
C THR A 135 12.30 -22.80 -15.91
N PHE A 136 12.91 -22.45 -17.03
CA PHE A 136 12.44 -22.89 -18.35
C PHE A 136 13.21 -24.12 -18.83
N LEU A 137 12.52 -25.04 -19.50
CA LEU A 137 13.08 -26.35 -19.92
C LEU A 137 13.64 -27.07 -18.70
N LYS A 138 14.86 -27.54 -18.71
CA LYS A 138 15.35 -28.29 -17.55
C LYS A 138 16.11 -27.35 -16.59
N ASP A 139 17.06 -26.60 -17.11
CA ASP A 139 18.00 -25.88 -16.24
C ASP A 139 18.26 -24.44 -16.70
N PHE A 140 17.28 -23.83 -17.34
CA PHE A 140 17.36 -22.40 -17.68
C PHE A 140 16.61 -21.60 -16.62
N THR A 141 17.39 -21.17 -15.64
CA THR A 141 16.92 -20.50 -14.45
C THR A 141 17.14 -18.97 -14.56
N TYR A 142 16.06 -18.20 -14.40
CA TYR A 142 16.05 -16.77 -14.64
C TYR A 142 15.34 -16.02 -13.50
N SER A 143 15.98 -14.94 -13.03
CA SER A 143 15.38 -14.04 -12.06
C SER A 143 14.62 -12.88 -12.75
N LYS A 144 14.03 -11.98 -11.95
CA LYS A 144 13.52 -10.73 -12.48
C LYS A 144 14.53 -9.95 -13.33
N ASP A 145 15.75 -9.81 -12.82
CA ASP A 145 16.75 -9.06 -13.53
C ASP A 145 17.03 -9.75 -14.85
N ASP A 146 17.09 -11.08 -14.85
CA ASP A 146 17.31 -11.79 -16.09
C ASP A 146 16.25 -11.43 -17.09
N PHE A 147 15.01 -11.31 -16.63
CA PHE A 147 13.90 -10.99 -17.53
C PHE A 147 14.11 -9.60 -18.08
N HIS A 148 14.64 -8.72 -17.24
CA HIS A 148 14.90 -7.36 -17.72
C HIS A 148 16.02 -7.32 -18.76
N ARG A 149 17.10 -8.08 -18.50
CA ARG A 149 18.21 -8.18 -19.41
C ARG A 149 17.78 -8.81 -20.73
N ALA A 150 16.73 -9.63 -20.72
CA ALA A 150 16.22 -10.22 -21.98
C ALA A 150 15.34 -9.28 -22.80
N GLY A 151 15.00 -8.11 -22.25
CA GLY A 151 14.33 -7.07 -23.03
C GLY A 151 12.88 -6.78 -22.66
N LEU A 152 12.35 -7.44 -21.62
CA LEU A 152 10.97 -7.22 -21.21
C LEU A 152 10.98 -6.01 -20.28
N GLN A 153 9.86 -5.32 -20.17
CA GLN A 153 9.82 -4.15 -19.33
C GLN A 153 9.24 -4.52 -17.95
N VAL A 154 9.61 -3.71 -16.96
CA VAL A 154 9.19 -3.88 -15.58
C VAL A 154 7.68 -3.95 -15.38
N GLU A 155 6.97 -3.20 -16.18
CA GLU A 155 5.54 -3.15 -16.06
C GLU A 155 4.94 -4.52 -16.39
N PHE A 156 5.68 -5.35 -17.11
CA PHE A 156 5.25 -6.67 -17.47
C PHE A 156 5.84 -7.75 -16.54
N ILE A 157 7.09 -7.56 -16.19
CA ILE A 157 7.81 -8.50 -15.39
C ILE A 157 7.21 -8.58 -13.99
N ASN A 158 6.98 -7.43 -13.39
CA ASN A 158 6.42 -7.40 -12.04
C ASN A 158 5.10 -8.14 -11.91
N PRO A 159 4.16 -7.94 -12.84
CA PRO A 159 2.92 -8.66 -12.74
C PRO A 159 3.08 -10.14 -12.91
N ILE A 160 3.97 -10.54 -13.81
CA ILE A 160 4.32 -11.96 -13.99
C ILE A 160 4.82 -12.61 -12.68
N PHE A 161 5.70 -11.94 -11.97
CA PHE A 161 6.21 -12.49 -10.72
C PHE A 161 5.18 -12.41 -9.61
N GLU A 162 4.33 -11.38 -9.62
CA GLU A 162 3.29 -11.24 -8.61
C GLU A 162 2.29 -12.38 -8.85
N PHE A 163 1.96 -12.65 -10.10
CA PHE A 163 1.04 -13.74 -10.41
C PHE A 163 1.63 -15.10 -10.02
N SER A 164 2.93 -15.30 -10.27
CA SER A 164 3.61 -16.56 -9.87
C SER A 164 3.58 -16.81 -8.37
N ARG A 165 3.87 -15.79 -7.59
CA ARG A 165 3.71 -15.83 -6.14
C ARG A 165 2.29 -16.18 -5.74
N ALA A 166 1.32 -15.54 -6.37
CA ALA A 166 -0.07 -15.75 -6.02
C ALA A 166 -0.46 -17.23 -6.28
N MET A 167 0.03 -17.81 -7.37
CA MET A 167 -0.31 -19.18 -7.71
C MET A 167 0.36 -20.16 -6.75
N ARG A 168 1.57 -19.84 -6.32
CA ARG A 168 2.28 -20.64 -5.32
C ARG A 168 1.51 -20.67 -3.97
N ARG A 169 0.94 -19.56 -3.54
CA ARG A 169 0.11 -19.54 -2.36
C ARG A 169 -1.02 -20.52 -2.45
N LEU A 170 -1.58 -20.70 -3.64
CA LEU A 170 -2.66 -21.64 -3.84
C LEU A 170 -2.29 -23.12 -3.71
N GLY A 171 -1.03 -23.48 -3.95
CA GLY A 171 -0.56 -24.85 -3.80
C GLY A 171 -1.18 -25.88 -4.72
N LEU A 172 -1.43 -25.49 -5.96
CA LEU A 172 -2.01 -26.38 -6.97
C LEU A 172 -1.12 -27.55 -7.35
N ASP A 173 -1.75 -28.71 -7.60
CA ASP A 173 -1.04 -29.87 -8.11
C ASP A 173 -1.16 -29.98 -9.63
N ASP A 174 -0.47 -30.95 -10.21
CA ASP A 174 -0.39 -31.07 -11.66
C ASP A 174 -1.76 -31.26 -12.32
N ALA A 175 -2.62 -32.03 -11.68
CA ALA A 175 -3.99 -32.21 -12.17
C ALA A 175 -4.75 -30.88 -12.20
N GLU A 176 -4.59 -30.06 -11.16
CA GLU A 176 -5.32 -28.82 -11.09
C GLU A 176 -4.84 -27.91 -12.19
N TYR A 177 -3.52 -27.83 -12.37
CA TYR A 177 -3.01 -26.99 -13.41
C TYR A 177 -3.52 -27.41 -14.76
N ALA A 178 -3.45 -28.70 -15.05
CA ALA A 178 -3.90 -29.18 -16.34
C ALA A 178 -5.37 -28.86 -16.57
N LEU A 179 -6.18 -29.03 -15.54
CA LEU A 179 -7.60 -28.77 -15.67
C LEU A 179 -7.85 -27.28 -15.96
N LEU A 180 -7.11 -26.43 -15.26
CA LEU A 180 -7.33 -25.00 -15.37
C LEU A 180 -6.91 -24.53 -16.76
N ILE A 181 -5.89 -25.17 -17.33
CA ILE A 181 -5.53 -24.90 -18.71
C ILE A 181 -6.63 -25.33 -19.70
N ALA A 182 -7.17 -26.53 -19.51
CA ALA A 182 -8.25 -26.99 -20.36
C ALA A 182 -9.43 -26.03 -20.29
N ILE A 183 -9.82 -25.64 -19.09
CA ILE A 183 -10.93 -24.74 -18.95
C ILE A 183 -10.64 -23.43 -19.68
N ASN A 184 -9.38 -23.01 -19.64
CA ASN A 184 -9.02 -21.73 -20.16
C ASN A 184 -9.14 -21.72 -21.70
N ILE A 185 -8.69 -22.80 -22.32
CA ILE A 185 -8.82 -22.97 -23.75
C ILE A 185 -10.28 -22.88 -24.17
N PHE A 186 -11.17 -23.60 -23.48
CA PHE A 186 -12.58 -23.59 -23.89
C PHE A 186 -13.37 -22.41 -23.35
N SER A 187 -12.89 -21.19 -23.60
CA SER A 187 -13.60 -19.94 -23.24
C SER A 187 -14.35 -19.49 -24.48
N ALA A 188 -15.66 -19.48 -24.40
CA ALA A 188 -16.48 -19.18 -25.56
C ALA A 188 -16.46 -17.72 -25.98
N ASP A 189 -16.01 -16.83 -25.10
CA ASP A 189 -16.04 -15.38 -25.38
C ASP A 189 -14.87 -14.84 -26.18
N ARG A 190 -13.98 -15.66 -26.71
CA ARG A 190 -12.80 -15.09 -27.42
C ARG A 190 -13.20 -14.50 -28.76
N PRO A 191 -12.37 -13.58 -29.28
CA PRO A 191 -12.71 -13.02 -30.58
C PRO A 191 -12.79 -14.10 -31.63
N ASN A 192 -13.85 -14.04 -32.45
CA ASN A 192 -13.99 -14.81 -33.70
C ASN A 192 -14.36 -16.29 -33.50
N VAL A 193 -15.01 -16.59 -32.39
CA VAL A 193 -15.51 -17.90 -32.16
C VAL A 193 -16.86 -18.01 -32.84
N GLN A 194 -16.93 -18.88 -33.84
CA GLN A 194 -18.13 -19.07 -34.65
C GLN A 194 -19.13 -20.04 -34.04
N GLU A 195 -18.69 -20.93 -33.15
CA GLU A 195 -19.58 -21.90 -32.51
C GLU A 195 -19.46 -21.91 -30.99
N PRO A 196 -19.84 -20.80 -30.36
CA PRO A 196 -19.55 -20.70 -28.92
C PRO A 196 -20.30 -21.70 -28.07
N GLY A 197 -21.52 -22.06 -28.49
CA GLY A 197 -22.34 -23.01 -27.74
C GLY A 197 -21.62 -24.32 -27.61
N ARG A 198 -20.92 -24.72 -28.67
CA ARG A 198 -20.11 -25.90 -28.63
C ARG A 198 -18.96 -25.75 -27.65
N VAL A 199 -18.33 -24.58 -27.61
CA VAL A 199 -17.20 -24.38 -26.73
C VAL A 199 -17.61 -24.38 -25.24
N GLU A 200 -18.74 -23.76 -24.90
CA GLU A 200 -19.21 -23.78 -23.53
C GLU A 200 -19.55 -25.17 -23.08
N ALA A 201 -20.07 -26.00 -23.97
CA ALA A 201 -20.46 -27.34 -23.60
C ALA A 201 -19.21 -28.19 -23.33
N LEU A 202 -18.17 -27.99 -24.15
CA LEU A 202 -16.88 -28.62 -23.89
C LEU A 202 -16.27 -28.18 -22.57
N GLN A 203 -16.49 -26.93 -22.21
CA GLN A 203 -15.88 -26.38 -21.03
C GLN A 203 -16.50 -26.96 -19.79
N GLN A 204 -17.80 -27.18 -19.82
CA GLN A 204 -18.53 -27.52 -18.62
C GLN A 204 -18.01 -28.74 -17.83
N PRO A 205 -17.86 -29.90 -18.49
CA PRO A 205 -17.28 -31.09 -17.81
C PRO A 205 -15.93 -30.84 -17.12
N TYR A 206 -15.04 -30.11 -17.80
CA TYR A 206 -13.77 -29.70 -17.21
C TYR A 206 -13.94 -28.83 -15.94
N VAL A 207 -14.91 -27.94 -15.93
CA VAL A 207 -15.22 -27.22 -14.71
C VAL A 207 -15.76 -28.15 -13.65
N GLU A 208 -16.67 -29.04 -14.03
CA GLU A 208 -17.25 -29.99 -13.11
C GLU A 208 -16.18 -30.91 -12.51
N ALA A 209 -15.22 -31.33 -13.31
CA ALA A 209 -14.19 -32.22 -12.83
C ALA A 209 -13.28 -31.50 -11.84
N LEU A 210 -13.02 -30.24 -12.11
CA LEU A 210 -12.17 -29.47 -11.21
C LEU A 210 -12.87 -29.25 -9.90
N LEU A 211 -14.19 -28.95 -9.92
CA LEU A 211 -14.93 -28.92 -8.65
C LEU A 211 -14.77 -30.25 -7.84
N SER A 212 -15.04 -31.37 -8.48
CA SER A 212 -14.97 -32.64 -7.79
C SER A 212 -13.56 -32.89 -7.31
N TYR A 213 -12.59 -32.77 -8.21
CA TYR A 213 -11.21 -32.99 -7.81
C TYR A 213 -10.76 -32.12 -6.62
N THR A 214 -10.99 -30.81 -6.65
CA THR A 214 -10.50 -30.01 -5.51
C THR A 214 -11.26 -30.22 -4.20
N ARG A 215 -12.53 -30.59 -4.28
CA ARG A 215 -13.35 -30.87 -3.06
C ARG A 215 -12.94 -32.19 -2.39
N ILE A 216 -12.37 -33.09 -3.17
CA ILE A 216 -11.84 -34.31 -2.61
C ILE A 216 -10.41 -34.12 -2.09
N LYS A 217 -9.57 -33.42 -2.86
CA LYS A 217 -8.21 -33.11 -2.44
C LYS A 217 -8.16 -32.33 -1.14
N ARG A 218 -9.02 -31.34 -0.95
CA ARG A 218 -9.01 -30.55 0.28
C ARG A 218 -10.40 -30.28 0.69
N PRO A 219 -11.08 -31.25 1.30
CA PRO A 219 -12.47 -30.97 1.70
C PRO A 219 -12.61 -29.80 2.75
N GLN A 220 -11.64 -29.67 3.63
CA GLN A 220 -11.68 -28.65 4.67
C GLN A 220 -11.47 -27.23 4.15
N ASP A 221 -11.18 -27.07 2.85
CA ASP A 221 -10.95 -25.77 2.24
C ASP A 221 -11.87 -25.52 1.02
N GLN A 222 -13.03 -24.98 1.30
CA GLN A 222 -14.06 -24.88 0.30
C GLN A 222 -13.82 -23.71 -0.67
N LEU A 223 -12.93 -22.80 -0.32
CA LEU A 223 -12.61 -21.66 -1.16
C LEU A 223 -11.58 -21.97 -2.27
N ARG A 224 -11.04 -23.17 -2.30
CA ARG A 224 -9.97 -23.47 -3.25
C ARG A 224 -10.47 -23.36 -4.70
N PHE A 225 -11.68 -23.88 -4.95
CA PHE A 225 -12.26 -23.89 -6.28
C PHE A 225 -12.53 -22.49 -6.86
N PRO A 226 -13.27 -21.63 -6.16
CA PRO A 226 -13.43 -20.25 -6.65
C PRO A 226 -12.14 -19.44 -6.72
N ARG A 227 -11.22 -19.68 -5.81
CA ARG A 227 -9.94 -19.01 -5.91
C ARG A 227 -9.24 -19.35 -7.23
N MET A 228 -9.28 -20.62 -7.63
CA MET A 228 -8.76 -21.00 -8.91
C MET A 228 -9.50 -20.33 -10.03
N LEU A 229 -10.82 -20.36 -9.97
CA LEU A 229 -11.59 -19.89 -11.10
C LEU A 229 -11.30 -18.44 -11.32
N MET A 230 -11.16 -17.70 -10.24
CA MET A 230 -10.84 -16.28 -10.29
C MET A 230 -9.48 -15.92 -10.87
N LYS A 231 -8.55 -16.86 -10.90
CA LYS A 231 -7.30 -16.69 -11.65
C LYS A 231 -7.57 -16.52 -13.14
N LEU A 232 -8.66 -17.10 -13.64
CA LEU A 232 -9.01 -16.83 -15.02
C LEU A 232 -9.30 -15.35 -15.26
N VAL A 233 -9.79 -14.64 -14.24
CA VAL A 233 -10.02 -13.21 -14.37
C VAL A 233 -8.70 -12.44 -14.37
N SER A 234 -7.84 -12.76 -13.40
CA SER A 234 -6.47 -12.24 -13.39
C SER A 234 -5.79 -12.38 -14.72
N LEU A 235 -5.97 -13.51 -15.37
CA LEU A 235 -5.31 -13.76 -16.65
C LEU A 235 -5.83 -12.85 -17.77
N ARG A 236 -7.08 -12.43 -17.71
CA ARG A 236 -7.54 -11.47 -18.73
C ARG A 236 -6.82 -10.16 -18.56
N THR A 237 -6.61 -9.73 -17.33
CA THR A 237 -5.83 -8.53 -17.08
C THR A 237 -4.39 -8.70 -17.57
N LEU A 238 -3.78 -9.83 -17.24
CA LEU A 238 -2.41 -10.07 -17.64
C LEU A 238 -2.24 -10.12 -19.14
N SER A 239 -3.19 -10.70 -19.82
CA SER A 239 -3.23 -10.65 -21.27
C SER A 239 -3.17 -9.21 -21.75
N SER A 240 -3.87 -8.33 -21.07
CA SER A 240 -3.82 -6.90 -21.40
C SER A 240 -2.48 -6.19 -21.08
N VAL A 241 -1.84 -6.56 -19.96
CA VAL A 241 -0.50 -6.05 -19.65
C VAL A 241 0.49 -6.49 -20.75
N HIS A 242 0.22 -7.63 -21.34
CA HIS A 242 1.09 -8.12 -22.37
C HIS A 242 1.00 -7.26 -23.61
N SER A 243 -0.21 -6.87 -23.99
CA SER A 243 -0.37 -5.95 -25.13
C SER A 243 0.47 -4.70 -24.93
N GLU A 244 0.47 -4.20 -23.72
CA GLU A 244 1.29 -3.05 -23.41
C GLU A 244 2.77 -3.35 -23.57
N GLN A 245 3.20 -4.60 -23.37
CA GLN A 245 4.59 -4.97 -23.58
C GLN A 245 4.89 -4.98 -25.07
N VAL A 246 3.98 -5.53 -25.86
CA VAL A 246 4.14 -5.52 -27.32
C VAL A 246 4.22 -4.07 -27.85
N PHE A 247 3.43 -3.20 -27.28
CA PHE A 247 3.48 -1.79 -27.64
C PHE A 247 4.90 -1.26 -27.39
N ALA A 248 5.48 -1.59 -26.26
CA ALA A 248 6.81 -1.10 -25.93
C ALA A 248 7.88 -1.63 -26.89
N LEU A 249 7.72 -2.86 -27.35
CA LEU A 249 8.65 -3.43 -28.27
C LEU A 249 8.66 -2.66 -29.58
N ARG A 250 7.49 -2.26 -30.06
CA ARG A 250 7.44 -1.50 -31.32
C ARG A 250 8.18 -0.18 -31.13
N LEU A 251 7.84 0.53 -30.06
CA LEU A 251 8.57 1.71 -29.60
C LEU A 251 10.12 1.55 -29.65
N GLN A 252 10.64 0.40 -29.20
CA GLN A 252 12.07 0.13 -29.19
C GLN A 252 12.57 -0.46 -30.49
N ASP A 253 11.67 -0.65 -31.47
CA ASP A 253 12.03 -1.27 -32.75
C ASP A 253 12.54 -2.70 -32.62
N LYS A 254 12.10 -3.44 -31.62
CA LYS A 254 12.40 -4.89 -31.52
C LYS A 254 11.33 -5.61 -32.31
N LYS A 255 11.74 -6.51 -33.20
CA LYS A 255 10.81 -7.25 -34.03
C LYS A 255 10.64 -8.71 -33.49
N LEU A 256 9.42 -9.25 -33.55
CA LEU A 256 9.10 -10.64 -33.16
C LEU A 256 9.13 -11.63 -34.34
N PRO A 257 9.51 -12.91 -34.11
CA PRO A 257 9.46 -13.90 -35.20
C PRO A 257 8.04 -14.11 -35.66
N PRO A 258 7.88 -14.66 -36.88
CA PRO A 258 6.58 -14.90 -37.49
C PRO A 258 5.58 -15.52 -36.55
N LEU A 259 5.93 -16.63 -35.91
CA LEU A 259 4.92 -17.35 -35.14
C LEU A 259 4.23 -16.42 -34.10
N LEU A 260 5.04 -15.64 -33.40
CA LEU A 260 4.53 -14.80 -32.33
C LEU A 260 3.81 -13.57 -32.88
N SER A 261 4.26 -13.04 -34.01
CA SER A 261 3.56 -11.95 -34.65
C SER A 261 2.18 -12.40 -35.08
N GLU A 262 2.11 -13.59 -35.67
CA GLU A 262 0.84 -14.15 -36.13
C GLU A 262 -0.12 -14.22 -34.96
N ILE A 263 0.30 -14.92 -33.93
CA ILE A 263 -0.56 -15.22 -32.78
C ILE A 263 -0.99 -13.96 -31.99
N TRP A 264 -0.18 -12.92 -31.98
CA TRP A 264 -0.44 -11.72 -31.18
C TRP A 264 -0.65 -10.46 -32.04
N ASP A 265 -0.83 -10.66 -33.35
CA ASP A 265 -0.99 -9.56 -34.34
C ASP A 265 0.23 -8.66 -34.29
N LYS A 276 0.26 -18.59 -42.00
CA LYS A 276 -0.65 -19.53 -41.34
C LYS A 276 0.16 -20.72 -40.79
N ILE A 277 1.01 -20.31 -39.87
CA ILE A 277 1.97 -21.19 -39.21
C ILE A 277 1.23 -21.95 -38.11
N LEU A 278 0.33 -21.27 -37.41
CA LEU A 278 -0.54 -21.92 -36.46
C LEU A 278 -1.35 -23.04 -37.12
N HIS A 279 -1.94 -22.70 -38.26
CA HIS A 279 -2.65 -23.65 -39.13
C HIS A 279 -1.80 -24.90 -39.41
N ARG A 280 -0.59 -24.68 -39.89
CA ARG A 280 0.36 -25.76 -40.15
C ARG A 280 0.57 -26.64 -38.91
N LEU A 281 0.89 -26.00 -37.80
CA LEU A 281 1.13 -26.72 -36.53
C LEU A 281 -0.05 -27.58 -36.11
N LEU A 282 -1.27 -27.10 -36.33
CA LEU A 282 -2.45 -27.92 -36.07
C LEU A 282 -2.60 -29.07 -37.03
N GLN A 283 -2.25 -28.82 -38.29
CA GLN A 283 -2.41 -29.81 -39.36
C GLN A 283 -1.53 -31.04 -39.17
N ASP A 284 -0.30 -30.85 -38.65
CA ASP A 284 0.54 -32.00 -38.30
C ASP A 284 -0.23 -32.96 -37.37
N GLU B 6 -24.01 -15.33 9.17
CA GLU B 6 -22.88 -15.06 8.23
C GLU B 6 -22.22 -13.70 8.51
N GLU B 7 -20.96 -13.61 8.10
CA GLU B 7 -20.12 -12.44 8.28
C GLU B 7 -20.36 -11.47 7.11
N MET B 8 -20.88 -12.02 6.01
CA MET B 8 -21.21 -11.28 4.79
C MET B 8 -22.58 -11.78 4.28
N PRO B 9 -23.66 -11.34 4.94
CA PRO B 9 -24.95 -11.93 4.65
C PRO B 9 -25.45 -11.44 3.33
N VAL B 10 -26.07 -12.34 2.58
CA VAL B 10 -26.60 -12.01 1.28
C VAL B 10 -27.79 -11.08 1.39
N ASP B 11 -28.51 -11.14 2.50
CA ASP B 11 -29.63 -10.25 2.74
C ASP B 11 -29.21 -8.80 2.58
N ARG B 12 -28.09 -8.42 3.18
CA ARG B 12 -27.67 -7.03 3.18
C ARG B 12 -27.21 -6.59 1.77
N ILE B 13 -26.70 -7.54 1.01
CA ILE B 13 -26.28 -7.32 -0.38
C ILE B 13 -27.47 -7.13 -1.30
N LEU B 14 -28.50 -7.96 -1.12
CA LEU B 14 -29.76 -7.75 -1.84
C LEU B 14 -30.37 -6.38 -1.54
N GLU B 15 -30.34 -5.97 -0.27
CA GLU B 15 -30.87 -4.64 0.14
C GLU B 15 -30.15 -3.58 -0.64
N ALA B 16 -28.84 -3.73 -0.78
CA ALA B 16 -28.03 -2.76 -1.51
C ALA B 16 -28.43 -2.67 -2.97
N GLU B 17 -28.68 -3.77 -3.65
CA GLU B 17 -29.17 -3.66 -5.05
C GLU B 17 -30.53 -3.00 -5.14
N LEU B 18 -31.46 -3.36 -4.26
CA LEU B 18 -32.84 -2.84 -4.32
C LEU B 18 -32.87 -1.40 -3.90
N ALA B 19 -32.11 -1.08 -2.84
CA ALA B 19 -32.02 0.29 -2.36
C ALA B 19 -31.57 1.25 -3.44
N VAL B 20 -31.06 0.74 -4.56
CA VAL B 20 -30.80 1.58 -5.74
C VAL B 20 -31.71 1.16 -6.92
N GLU B 21 -33.02 1.04 -6.63
CA GLU B 21 -34.03 0.77 -7.66
C GLU B 21 -33.71 -0.48 -8.48
N PRO B 44 -25.39 10.05 -28.77
CA PRO B 44 -25.51 8.58 -28.86
C PRO B 44 -24.35 7.90 -28.13
N VAL B 45 -23.16 8.26 -28.56
CA VAL B 45 -21.92 7.94 -27.85
C VAL B 45 -21.90 8.61 -26.46
N THR B 46 -22.45 9.82 -26.38
CA THR B 46 -22.36 10.64 -25.18
C THR B 46 -23.51 10.32 -24.22
N ASN B 47 -24.56 9.65 -24.71
CA ASN B 47 -25.67 9.26 -23.82
C ASN B 47 -25.25 8.22 -22.80
N ILE B 48 -24.38 7.33 -23.25
CA ILE B 48 -23.81 6.34 -22.38
C ILE B 48 -22.98 7.07 -21.32
N CYS B 49 -22.16 8.01 -21.74
CA CYS B 49 -21.37 8.81 -20.80
C CYS B 49 -22.20 9.62 -19.80
N GLN B 50 -23.33 10.15 -20.24
CA GLN B 50 -24.22 10.85 -19.32
C GLN B 50 -24.78 9.90 -18.28
N ALA B 51 -25.29 8.76 -18.73
CA ALA B 51 -25.85 7.77 -17.82
C ALA B 51 -24.80 7.29 -16.81
N ALA B 52 -23.57 7.09 -17.27
CA ALA B 52 -22.46 6.68 -16.40
C ALA B 52 -22.16 7.69 -15.30
N ASP B 53 -22.15 8.97 -15.64
CA ASP B 53 -21.92 10.02 -14.63
C ASP B 53 -22.95 9.97 -13.52
N LYS B 54 -24.21 9.75 -13.87
CA LYS B 54 -25.26 9.64 -12.85
C LYS B 54 -25.10 8.39 -12.03
N GLN B 55 -24.87 7.26 -12.70
CA GLN B 55 -24.85 5.99 -12.01
C GLN B 55 -23.67 5.92 -11.06
N LEU B 56 -22.63 6.71 -11.33
CA LEU B 56 -21.51 6.75 -10.39
C LEU B 56 -21.95 7.21 -9.02
N PHE B 57 -22.91 8.13 -8.96
CA PHE B 57 -23.40 8.66 -7.66
C PHE B 57 -24.15 7.57 -6.90
N THR B 58 -25.00 6.86 -7.63
CA THR B 58 -25.69 5.73 -7.07
C THR B 58 -24.71 4.66 -6.59
N LEU B 59 -23.63 4.44 -7.35
CA LEU B 59 -22.68 3.39 -7.05
C LEU B 59 -22.04 3.62 -5.68
N VAL B 60 -21.69 4.85 -5.38
CA VAL B 60 -21.07 5.10 -4.08
C VAL B 60 -22.04 4.75 -2.94
N GLU B 61 -23.32 5.05 -3.14
CA GLU B 61 -24.33 4.67 -2.17
C GLU B 61 -24.51 3.17 -2.10
N TRP B 62 -24.42 2.49 -3.24
CA TRP B 62 -24.55 1.03 -3.22
C TRP B 62 -23.41 0.42 -2.41
N ALA B 63 -22.21 0.91 -2.62
CA ALA B 63 -21.06 0.32 -1.98
C ALA B 63 -21.10 0.50 -0.50
N LYS B 64 -21.63 1.64 -0.05
CA LYS B 64 -21.74 1.94 1.40
C LYS B 64 -22.62 0.91 2.09
N ARG B 65 -23.64 0.43 1.36
CA ARG B 65 -24.56 -0.57 1.87
C ARG B 65 -24.01 -1.99 1.88
N ILE B 66 -22.79 -2.17 1.39
CA ILE B 66 -22.24 -3.51 1.23
C ILE B 66 -21.51 -3.80 2.51
N PRO B 67 -21.82 -4.93 3.14
CA PRO B 67 -21.20 -5.20 4.43
C PRO B 67 -19.71 -5.01 4.43
N HIS B 68 -19.22 -4.23 5.39
CA HIS B 68 -17.81 -4.05 5.72
C HIS B 68 -17.07 -3.10 4.78
N PHE B 69 -17.71 -2.66 3.71
CA PHE B 69 -17.03 -1.75 2.81
C PHE B 69 -16.61 -0.45 3.52
N SER B 70 -17.51 0.20 4.27
CA SER B 70 -17.16 1.45 4.96
C SER B 70 -16.24 1.31 6.19
N SER B 71 -16.14 0.10 6.73
CA SER B 71 -15.17 -0.21 7.77
C SER B 71 -13.74 -0.06 7.26
N LEU B 72 -13.53 -0.24 5.96
CA LEU B 72 -12.20 -0.13 5.40
C LEU B 72 -11.72 1.30 5.50
N PRO B 73 -10.39 1.46 5.58
CA PRO B 73 -9.77 2.77 5.43
C PRO B 73 -10.33 3.53 4.24
N LEU B 74 -10.45 4.83 4.39
CA LEU B 74 -11.09 5.68 3.41
C LEU B 74 -10.37 5.65 2.05
N ASP B 75 -9.04 5.65 2.09
CA ASP B 75 -8.25 5.66 0.87
C ASP B 75 -8.39 4.36 0.13
N ASP B 76 -8.60 3.27 0.86
CA ASP B 76 -8.90 1.99 0.24
C ASP B 76 -10.31 1.88 -0.37
N GLN B 77 -11.31 2.42 0.30
CA GLN B 77 -12.61 2.57 -0.33
C GLN B 77 -12.53 3.30 -1.67
N VAL B 78 -11.69 4.31 -1.73
CA VAL B 78 -11.54 5.12 -2.93
C VAL B 78 -10.87 4.30 -4.01
N ILE B 79 -9.86 3.53 -3.61
CA ILE B 79 -9.10 2.69 -4.56
C ILE B 79 -9.94 1.62 -5.23
N LEU B 80 -10.76 0.94 -4.44
CA LEU B 80 -11.63 -0.09 -4.94
C LEU B 80 -12.69 0.44 -5.91
N LEU B 81 -13.17 1.64 -5.66
CA LEU B 81 -14.19 2.22 -6.47
C LEU B 81 -13.60 2.78 -7.75
N ARG B 82 -12.37 3.26 -7.69
CA ARG B 82 -11.71 3.65 -8.92
C ARG B 82 -11.37 2.41 -9.78
N ALA B 83 -10.93 1.33 -9.16
CA ALA B 83 -10.60 0.12 -9.88
C ALA B 83 -11.81 -0.60 -10.47
N GLY B 84 -12.96 -0.51 -9.83
CA GLY B 84 -14.07 -1.34 -10.20
C GLY B 84 -15.29 -0.69 -10.84
N TRP B 85 -15.38 0.63 -10.84
CA TRP B 85 -16.63 1.23 -11.24
C TRP B 85 -17.13 0.79 -12.62
N ASN B 86 -16.20 0.63 -13.52
CA ASN B 86 -16.51 0.27 -14.87
C ASN B 86 -17.20 -1.07 -14.95
N GLU B 87 -16.57 -2.11 -14.44
CA GLU B 87 -17.18 -3.45 -14.46
C GLU B 87 -18.43 -3.40 -13.59
N LEU B 88 -18.38 -2.71 -12.46
CA LEU B 88 -19.58 -2.59 -11.60
C LEU B 88 -20.80 -2.07 -12.34
N LEU B 89 -20.64 -1.00 -13.13
CA LEU B 89 -21.76 -0.44 -13.90
C LEU B 89 -22.22 -1.27 -15.06
N ILE B 90 -21.28 -1.91 -15.75
CA ILE B 90 -21.62 -2.75 -16.89
C ILE B 90 -22.44 -3.94 -16.43
N ALA B 91 -22.11 -4.51 -15.28
CA ALA B 91 -22.89 -5.62 -14.77
C ALA B 91 -24.29 -5.16 -14.39
N SER B 92 -24.37 -3.96 -13.86
CA SER B 92 -25.69 -3.43 -13.49
C SER B 92 -26.60 -3.14 -14.73
N PHE B 93 -26.08 -2.49 -15.77
CA PHE B 93 -26.96 -2.21 -16.91
C PHE B 93 -27.22 -3.46 -17.75
N SER B 94 -26.34 -4.42 -17.68
CA SER B 94 -26.57 -5.68 -18.35
C SER B 94 -27.77 -6.42 -17.74
N HIS B 95 -27.81 -6.52 -16.42
CA HIS B 95 -28.92 -7.16 -15.72
C HIS B 95 -30.22 -6.38 -15.88
N ARG B 96 -30.14 -5.06 -15.89
CA ARG B 96 -31.31 -4.22 -16.09
C ARG B 96 -31.90 -4.43 -17.47
N SER B 97 -31.06 -4.76 -18.43
CA SER B 97 -31.51 -4.92 -19.81
C SER B 97 -32.03 -6.33 -20.16
N ILE B 98 -32.25 -7.20 -19.19
CA ILE B 98 -32.74 -8.57 -19.47
C ILE B 98 -34.05 -8.60 -20.26
N ASP B 99 -34.98 -7.69 -20.00
CA ASP B 99 -36.24 -7.66 -20.74
C ASP B 99 -36.10 -7.08 -22.15
N VAL B 100 -35.26 -6.07 -22.30
CA VAL B 100 -34.97 -5.47 -23.61
C VAL B 100 -34.57 -6.56 -24.63
N ARG B 101 -34.80 -6.31 -25.91
CA ARG B 101 -34.36 -7.24 -26.94
C ARG B 101 -33.50 -6.47 -27.94
N ASP B 102 -32.29 -6.98 -28.18
CA ASP B 102 -31.27 -6.32 -29.02
C ASP B 102 -30.94 -4.88 -28.60
N GLY B 103 -30.78 -4.65 -27.30
CA GLY B 103 -30.39 -3.35 -26.81
C GLY B 103 -30.22 -3.32 -25.32
N ILE B 104 -29.77 -2.19 -24.79
CA ILE B 104 -29.61 -2.03 -23.35
C ILE B 104 -30.38 -0.83 -22.85
N LEU B 105 -30.81 -0.93 -21.61
CA LEU B 105 -31.58 0.09 -20.95
C LEU B 105 -30.67 0.84 -19.99
N LEU B 106 -30.43 2.11 -20.27
CA LEU B 106 -29.61 2.93 -19.38
C LEU B 106 -30.46 3.41 -18.20
N ALA B 107 -29.80 3.82 -17.12
CA ALA B 107 -30.53 4.27 -15.94
C ALA B 107 -31.23 5.63 -16.20
N THR B 108 -30.73 6.40 -17.17
CA THR B 108 -31.41 7.65 -17.62
C THR B 108 -32.73 7.38 -18.32
N GLY B 109 -33.19 6.14 -18.33
CA GLY B 109 -34.40 5.75 -19.05
C GLY B 109 -34.19 5.57 -20.54
N LEU B 110 -33.05 5.97 -21.07
CA LEU B 110 -32.82 5.89 -22.50
C LEU B 110 -32.45 4.45 -22.93
N HIS B 111 -32.95 4.07 -24.08
CA HIS B 111 -32.73 2.75 -24.66
C HIS B 111 -31.79 2.92 -25.86
N VAL B 112 -30.79 2.05 -25.97
CA VAL B 112 -29.79 2.10 -27.03
C VAL B 112 -29.93 0.81 -27.83
N HIS B 113 -30.12 0.96 -29.14
CA HIS B 113 -30.38 -0.15 -30.00
C HIS B 113 -29.12 -0.50 -30.77
N ARG B 114 -29.06 -1.76 -31.21
CA ARG B 114 -27.97 -2.29 -32.01
C ARG B 114 -27.59 -1.44 -33.19
N ASN B 115 -28.57 -0.95 -33.94
CA ASN B 115 -28.30 -0.14 -35.13
C ASN B 115 -27.46 1.07 -34.82
N SER B 116 -27.87 1.85 -33.83
CA SER B 116 -27.13 3.07 -33.50
C SER B 116 -25.70 2.77 -33.05
N ALA B 117 -25.56 1.71 -32.26
CA ALA B 117 -24.26 1.35 -31.75
C ALA B 117 -23.24 1.09 -32.88
N HIS B 118 -23.67 0.36 -33.91
CA HIS B 118 -22.86 0.13 -35.11
C HIS B 118 -22.62 1.37 -35.93
N SER B 119 -23.61 2.25 -35.99
CA SER B 119 -23.45 3.51 -36.71
C SER B 119 -22.31 4.28 -36.09
N ALA B 120 -22.26 4.28 -34.76
CA ALA B 120 -21.25 5.03 -34.02
C ALA B 120 -19.90 4.30 -33.86
N GLY B 121 -19.69 3.18 -34.55
CA GLY B 121 -18.42 2.43 -34.49
C GLY B 121 -18.13 1.74 -33.15
N VAL B 122 -19.18 1.48 -32.38
CA VAL B 122 -19.08 0.87 -31.05
C VAL B 122 -19.90 -0.45 -31.02
N GLY B 123 -20.04 -1.05 -32.20
CA GLY B 123 -20.97 -2.17 -32.39
C GLY B 123 -20.43 -3.50 -31.97
N ALA B 124 -19.14 -3.75 -32.17
CA ALA B 124 -18.53 -5.00 -31.73
C ALA B 124 -18.71 -5.23 -30.20
N ILE B 125 -18.33 -4.24 -29.40
CA ILE B 125 -18.39 -4.34 -27.94
C ILE B 125 -19.84 -4.43 -27.45
N PHE B 126 -20.69 -3.71 -28.14
CA PHE B 126 -22.09 -3.80 -27.82
C PHE B 126 -22.63 -5.24 -28.02
N ASP B 127 -22.32 -5.87 -29.13
CA ASP B 127 -22.74 -7.26 -29.37
C ASP B 127 -22.16 -8.26 -28.35
N ARG B 128 -20.94 -8.02 -27.89
CA ARG B 128 -20.36 -8.85 -26.85
C ARG B 128 -21.07 -8.72 -25.53
N VAL B 129 -21.45 -7.50 -25.18
CA VAL B 129 -22.24 -7.29 -23.99
C VAL B 129 -23.55 -8.09 -24.07
N LEU B 130 -24.22 -8.07 -25.21
CA LEU B 130 -25.49 -8.78 -25.31
C LEU B 130 -25.29 -10.28 -25.31
N THR B 131 -24.29 -10.73 -26.04
CA THR B 131 -24.03 -12.13 -26.15
C THR B 131 -23.54 -12.73 -24.85
N GLU B 132 -22.56 -12.07 -24.21
CA GLU B 132 -21.87 -12.63 -23.02
C GLU B 132 -22.46 -12.24 -21.66
N LEU B 133 -23.18 -11.15 -21.61
CA LEU B 133 -23.67 -10.71 -20.35
C LEU B 133 -25.18 -10.83 -20.33
N VAL B 134 -25.87 -10.05 -21.17
CA VAL B 134 -27.31 -9.91 -21.05
C VAL B 134 -27.97 -11.24 -21.30
N SER B 135 -27.69 -11.80 -22.45
CA SER B 135 -28.22 -13.08 -22.85
C SER B 135 -28.00 -14.17 -21.86
N LYS B 136 -26.82 -14.19 -21.26
CA LYS B 136 -26.48 -15.26 -20.34
C LYS B 136 -27.22 -15.05 -19.04
N MET B 137 -27.30 -13.80 -18.61
CA MET B 137 -28.06 -13.48 -17.42
C MET B 137 -29.54 -13.85 -17.65
N ARG B 138 -30.05 -13.62 -18.86
CA ARG B 138 -31.44 -13.99 -19.16
C ARG B 138 -31.66 -15.51 -19.10
N ASP B 139 -30.83 -16.27 -19.80
CA ASP B 139 -30.99 -17.73 -19.88
C ASP B 139 -30.75 -18.48 -18.57
N MET B 140 -30.06 -17.84 -17.64
CA MET B 140 -29.83 -18.38 -16.30
C MET B 140 -30.88 -17.93 -15.31
N ARG B 141 -31.71 -16.97 -15.73
CA ARG B 141 -32.58 -16.23 -14.82
C ARG B 141 -31.78 -15.77 -13.62
N MET B 142 -30.70 -15.03 -13.87
CA MET B 142 -29.83 -14.56 -12.78
C MET B 142 -30.64 -13.63 -11.89
N ASP B 143 -30.67 -13.91 -10.60
CA ASP B 143 -31.48 -13.07 -9.69
C ASP B 143 -30.65 -11.95 -9.07
N LYS B 144 -31.31 -11.11 -8.30
CA LYS B 144 -30.69 -9.89 -7.82
C LYS B 144 -29.67 -10.13 -6.72
N THR B 145 -29.86 -11.19 -5.97
CA THR B 145 -28.92 -11.50 -4.93
C THR B 145 -27.62 -11.98 -5.59
N GLU B 146 -27.79 -12.85 -6.59
CA GLU B 146 -26.68 -13.40 -7.37
C GLU B 146 -25.89 -12.24 -7.97
N LEU B 147 -26.59 -11.27 -8.53
CA LEU B 147 -25.95 -10.14 -9.11
C LEU B 147 -25.17 -9.36 -8.07
N GLY B 148 -25.80 -9.07 -6.95
CA GLY B 148 -25.17 -8.24 -5.93
C GLY B 148 -23.89 -8.86 -5.44
N CYS B 149 -23.91 -10.17 -5.26
CA CYS B 149 -22.71 -10.91 -4.86
C CYS B 149 -21.59 -10.86 -5.90
N LEU B 150 -21.92 -11.02 -7.17
CA LEU B 150 -20.93 -10.83 -8.22
C LEU B 150 -20.33 -9.44 -8.18
N ARG B 151 -21.16 -8.44 -7.97
CA ARG B 151 -20.64 -7.09 -7.94
C ARG B 151 -19.86 -6.86 -6.66
N ALA B 152 -20.23 -7.51 -5.59
CA ALA B 152 -19.47 -7.33 -4.37
C ALA B 152 -18.06 -7.94 -4.57
N ILE B 153 -18.00 -9.06 -5.26
CA ILE B 153 -16.74 -9.72 -5.59
C ILE B 153 -15.90 -8.81 -6.45
N ILE B 154 -16.52 -8.19 -7.44
CA ILE B 154 -15.80 -7.28 -8.31
C ILE B 154 -15.28 -6.13 -7.47
N LEU B 155 -16.10 -5.61 -6.59
CA LEU B 155 -15.72 -4.56 -5.71
C LEU B 155 -14.51 -4.90 -4.82
N PHE B 156 -14.56 -6.03 -4.14
CA PHE B 156 -13.50 -6.35 -3.21
C PHE B 156 -12.35 -6.98 -3.94
N ASN B 157 -11.61 -6.17 -4.69
CA ASN B 157 -10.52 -6.61 -5.55
C ASN B 157 -9.21 -6.45 -4.85
N PRO B 158 -8.63 -7.53 -4.35
CA PRO B 158 -7.37 -7.35 -3.61
C PRO B 158 -6.16 -6.96 -4.51
N ASP B 159 -6.32 -7.00 -5.82
CA ASP B 159 -5.23 -6.63 -6.77
C ASP B 159 -5.28 -5.18 -7.22
N ALA B 160 -6.21 -4.38 -6.71
CA ALA B 160 -6.24 -2.96 -7.03
C ALA B 160 -5.01 -2.25 -6.46
N LYS B 161 -4.36 -1.44 -7.29
CA LYS B 161 -3.07 -0.87 -6.92
C LYS B 161 -3.14 0.12 -5.76
N GLY B 162 -2.23 -0.02 -4.81
CA GLY B 162 -2.04 0.96 -3.76
C GLY B 162 -2.91 0.73 -2.55
N LEU B 163 -3.46 -0.47 -2.42
CA LEU B 163 -4.22 -0.82 -1.20
C LEU B 163 -3.25 -0.88 -0.02
N SER B 164 -3.63 -0.28 1.09
CA SER B 164 -2.85 -0.39 2.32
C SER B 164 -2.80 -1.87 2.78
N ASN B 165 -3.94 -2.56 2.76
CA ASN B 165 -3.96 -3.99 3.13
C ASN B 165 -4.76 -4.91 2.21
N PRO B 166 -4.09 -5.48 1.21
CA PRO B 166 -4.71 -6.43 0.29
C PRO B 166 -5.34 -7.64 0.97
N SER B 167 -4.73 -8.15 2.04
CA SER B 167 -5.28 -9.31 2.72
C SER B 167 -6.68 -9.05 3.22
N GLU B 168 -6.85 -7.90 3.84
CA GLU B 168 -8.14 -7.54 4.41
C GLU B 168 -9.22 -7.63 3.34
N VAL B 169 -8.93 -7.10 2.16
CA VAL B 169 -9.85 -7.11 1.00
C VAL B 169 -10.07 -8.51 0.40
N GLU B 170 -9.02 -9.31 0.37
CA GLU B 170 -9.10 -10.68 -0.10
C GLU B 170 -10.07 -11.46 0.78
N VAL B 171 -9.96 -11.28 2.09
CA VAL B 171 -10.83 -11.98 3.05
C VAL B 171 -12.29 -11.63 2.85
N LEU B 172 -12.58 -10.38 2.58
CA LEU B 172 -13.95 -9.97 2.30
C LEU B 172 -14.46 -10.57 0.99
N ARG B 173 -13.62 -10.61 -0.02
CA ARG B 173 -13.99 -11.25 -1.27
C ARG B 173 -14.34 -12.69 -0.99
N GLU B 174 -13.48 -13.35 -0.23
CA GLU B 174 -13.69 -14.75 0.09
C GLU B 174 -14.92 -15.01 0.93
N LYS B 175 -15.27 -14.10 1.82
CA LYS B 175 -16.57 -14.22 2.48
C LYS B 175 -17.69 -14.16 1.45
N VAL B 176 -17.60 -13.25 0.47
CA VAL B 176 -18.63 -13.25 -0.58
C VAL B 176 -18.67 -14.60 -1.34
N TYR B 177 -17.53 -15.20 -1.65
CA TYR B 177 -17.55 -16.56 -2.28
C TYR B 177 -18.41 -17.53 -1.46
N ALA B 178 -18.12 -17.59 -0.15
CA ALA B 178 -18.81 -18.53 0.74
C ALA B 178 -20.31 -18.28 0.82
N SER B 179 -20.72 -17.01 0.97
CA SER B 179 -22.14 -16.69 1.08
C SER B 179 -22.87 -16.96 -0.18
N LEU B 180 -22.25 -16.63 -1.30
CA LEU B 180 -22.88 -16.87 -2.59
C LEU B 180 -23.01 -18.36 -2.93
N GLU B 181 -21.97 -19.16 -2.72
CA GLU B 181 -22.11 -20.62 -2.91
C GLU B 181 -23.28 -21.16 -2.06
N THR B 182 -23.29 -20.77 -0.79
CA THR B 182 -24.32 -21.21 0.16
C THR B 182 -25.69 -20.87 -0.36
N TYR B 183 -25.89 -19.59 -0.71
CA TYR B 183 -27.16 -19.15 -1.28
C TYR B 183 -27.57 -19.97 -2.50
N CYS B 184 -26.60 -20.23 -3.38
CA CYS B 184 -26.87 -21.04 -4.59
C CYS B 184 -27.28 -22.48 -4.30
N LYS B 185 -26.68 -23.10 -3.29
CA LYS B 185 -27.05 -24.44 -2.90
C LYS B 185 -28.47 -24.52 -2.28
N GLN B 186 -28.78 -23.58 -1.40
CA GLN B 186 -30.10 -23.46 -0.77
C GLN B 186 -31.21 -23.10 -1.77
N LYS B 187 -31.05 -22.03 -2.52
CA LYS B 187 -32.13 -21.59 -3.38
C LYS B 187 -32.26 -22.38 -4.69
N TYR B 188 -31.16 -22.86 -5.26
CA TYR B 188 -31.21 -23.54 -6.57
C TYR B 188 -30.59 -24.94 -6.50
N PRO B 189 -31.03 -25.79 -5.55
CA PRO B 189 -30.38 -27.08 -5.24
C PRO B 189 -30.34 -28.05 -6.44
N GLU B 190 -31.34 -27.92 -7.31
CA GLU B 190 -31.44 -28.67 -8.56
C GLU B 190 -30.28 -28.38 -9.56
N GLN B 191 -29.62 -27.24 -9.38
CA GLN B 191 -28.58 -26.75 -10.29
C GLN B 191 -27.19 -26.73 -9.64
N GLN B 192 -26.49 -27.85 -9.71
CA GLN B 192 -25.25 -28.02 -8.97
C GLN B 192 -24.07 -27.20 -9.47
N GLY B 193 -24.11 -26.80 -10.74
CA GLY B 193 -23.00 -26.09 -11.32
C GLY B 193 -23.29 -24.61 -11.38
N ARG B 194 -24.27 -24.15 -10.61
CA ARG B 194 -24.77 -22.80 -10.76
C ARG B 194 -23.76 -21.76 -10.21
N PHE B 195 -23.15 -22.08 -9.08
CA PHE B 195 -22.16 -21.20 -8.51
C PHE B 195 -21.04 -20.92 -9.52
N ALA B 196 -20.53 -21.97 -10.14
CA ALA B 196 -19.50 -21.81 -11.12
C ALA B 196 -19.97 -21.01 -12.34
N LYS B 197 -21.20 -21.24 -12.79
CA LYS B 197 -21.68 -20.55 -13.96
C LYS B 197 -21.69 -19.06 -13.72
N LEU B 198 -22.00 -18.66 -12.50
CA LEU B 198 -21.98 -17.25 -12.12
C LEU B 198 -20.57 -16.68 -12.17
N LEU B 199 -19.64 -17.36 -11.50
CA LEU B 199 -18.26 -16.93 -11.44
C LEU B 199 -17.64 -16.86 -12.83
N LEU B 200 -18.04 -17.75 -13.74
CA LEU B 200 -17.47 -17.76 -15.09
C LEU B 200 -18.01 -16.66 -16.01
N ARG B 201 -18.87 -15.79 -15.51
CA ARG B 201 -19.19 -14.58 -16.25
C ARG B 201 -18.10 -13.52 -16.00
N LEU B 202 -17.33 -13.64 -14.92
CA LEU B 202 -16.39 -12.57 -14.56
C LEU B 202 -15.20 -12.39 -15.49
N PRO B 203 -14.63 -13.49 -16.04
CA PRO B 203 -13.57 -13.27 -17.03
C PRO B 203 -14.07 -12.48 -18.21
N ALA B 204 -15.25 -12.88 -18.69
CA ALA B 204 -15.85 -12.24 -19.84
C ALA B 204 -16.10 -10.80 -19.49
N LEU B 205 -16.57 -10.55 -18.27
CA LEU B 205 -16.81 -9.20 -17.83
C LEU B 205 -15.54 -8.39 -17.71
N ARG B 206 -14.46 -8.99 -17.26
CA ARG B 206 -13.20 -8.27 -17.19
C ARG B 206 -12.72 -7.80 -18.57
N SER B 207 -12.79 -8.67 -19.58
CA SER B 207 -12.25 -8.32 -20.91
C SER B 207 -13.11 -7.23 -21.56
N ILE B 208 -14.42 -7.40 -21.42
CA ILE B 208 -15.40 -6.42 -21.84
C ILE B 208 -15.16 -5.10 -21.12
N GLY B 209 -14.89 -5.14 -19.82
CA GLY B 209 -14.49 -3.96 -19.08
C GLY B 209 -13.31 -3.27 -19.75
N LEU B 210 -12.28 -4.01 -20.08
CA LEU B 210 -11.11 -3.40 -20.71
C LEU B 210 -11.45 -2.74 -22.05
N LYS B 211 -12.27 -3.38 -22.87
CA LYS B 211 -12.66 -2.76 -24.09
C LYS B 211 -13.54 -1.53 -23.90
N CYS B 212 -14.50 -1.54 -22.96
CA CYS B 212 -15.31 -0.34 -22.75
C CYS B 212 -14.46 0.82 -22.24
N LEU B 213 -13.47 0.54 -21.42
CA LEU B 213 -12.65 1.60 -20.88
C LEU B 213 -11.90 2.31 -22.00
N GLU B 214 -11.40 1.52 -22.93
CA GLU B 214 -10.82 2.02 -24.16
C GLU B 214 -11.73 3.11 -24.80
N HIS B 215 -12.97 2.76 -25.09
CA HIS B 215 -13.89 3.67 -25.71
C HIS B 215 -14.10 4.92 -24.89
N LEU B 216 -14.25 4.76 -23.59
CA LEU B 216 -14.37 5.93 -22.72
C LEU B 216 -13.13 6.83 -22.81
N PHE B 217 -11.94 6.25 -22.85
CA PHE B 217 -10.75 7.04 -23.03
C PHE B 217 -10.76 7.79 -24.36
N PHE B 218 -11.36 7.22 -25.40
CA PHE B 218 -11.44 7.93 -26.67
C PHE B 218 -12.38 9.10 -26.57
N PHE B 219 -13.50 8.94 -25.87
CA PHE B 219 -14.45 10.04 -25.73
C PHE B 219 -13.81 11.16 -24.94
N LYS B 220 -12.94 10.83 -23.99
CA LYS B 220 -12.24 11.87 -23.24
C LYS B 220 -11.35 12.68 -24.17
N LEU B 221 -10.63 11.99 -25.05
CA LEU B 221 -9.79 12.67 -26.03
C LEU B 221 -10.55 13.44 -27.13
N ILE B 222 -11.88 13.33 -27.19
CA ILE B 222 -12.69 13.81 -28.33
C ILE B 222 -14.14 14.26 -27.96
N GLY B 223 -14.41 15.56 -27.94
CA GLY B 223 -15.72 16.06 -27.54
C GLY B 223 -16.06 15.60 -26.13
N ASP B 228 -18.06 14.93 -18.66
CA ASP B 228 -18.80 14.97 -17.40
C ASP B 228 -17.88 14.91 -16.18
N THR B 229 -18.19 15.65 -15.13
CA THR B 229 -17.21 15.94 -14.09
C THR B 229 -16.77 14.69 -13.27
N PHE B 230 -17.73 13.96 -12.69
CA PHE B 230 -17.44 12.77 -11.89
C PHE B 230 -16.78 11.69 -12.75
N LEU B 231 -17.37 11.42 -13.91
CA LEU B 231 -16.79 10.47 -14.85
C LEU B 231 -15.33 10.80 -15.16
N MET B 232 -15.05 12.07 -15.43
CA MET B 232 -13.71 12.53 -15.76
C MET B 232 -12.76 12.35 -14.58
N GLU B 233 -13.25 12.62 -13.37
CA GLU B 233 -12.49 12.41 -12.16
C GLU B 233 -12.07 10.93 -12.04
N MET B 234 -12.98 10.02 -12.39
CA MET B 234 -12.67 8.60 -12.41
C MET B 234 -11.63 8.20 -13.46
N LEU B 235 -11.65 8.80 -14.65
CA LEU B 235 -10.65 8.51 -15.69
C LEU B 235 -9.24 9.12 -15.47
N GLU B 236 -8.94 9.75 -14.32
CA GLU B 236 -7.63 10.39 -14.09
C GLU B 236 -6.87 9.76 -12.92
N ALA B 237 -5.56 10.07 -12.83
CA ALA B 237 -4.65 9.46 -11.86
C ALA B 237 -4.43 10.32 -10.61
N SER B 243 -7.67 15.91 -5.69
CA SER B 243 -7.69 15.12 -6.94
C SER B 243 -8.86 14.14 -7.11
N HIS B 244 -9.39 13.58 -6.02
CA HIS B 244 -10.70 12.88 -6.08
C HIS B 244 -11.71 13.54 -5.14
N LYS B 245 -11.90 14.84 -5.35
CA LYS B 245 -12.78 15.67 -4.51
C LYS B 245 -14.15 15.02 -4.33
N ILE B 246 -14.78 14.69 -5.45
CA ILE B 246 -16.15 14.27 -5.45
C ILE B 246 -16.33 12.90 -4.78
N LEU B 247 -15.40 12.00 -5.04
CA LEU B 247 -15.46 10.69 -4.45
C LEU B 247 -15.24 10.77 -2.95
N HIS B 248 -14.23 11.53 -2.53
CA HIS B 248 -13.96 11.72 -1.10
C HIS B 248 -15.12 12.30 -0.33
N ARG B 249 -15.74 13.32 -0.90
CA ARG B 249 -16.88 13.98 -0.24
C ARG B 249 -18.02 12.99 -0.10
N LEU B 250 -18.39 12.36 -1.21
CA LEU B 250 -19.52 11.47 -1.27
C LEU B 250 -19.44 10.30 -0.33
N LEU B 251 -18.24 9.89 0.11
CA LEU B 251 -18.25 8.88 1.11
C LEU B 251 -18.01 9.44 2.52
N GLN B 252 -18.80 10.46 2.87
CA GLN B 252 -18.84 11.02 4.24
C GLN B 252 -20.13 11.80 4.49
N VAL C 25 0.25 36.73 22.91
CA VAL C 25 -0.57 37.92 22.58
C VAL C 25 0.06 38.75 21.45
N GLN C 26 1.38 38.98 21.51
CA GLN C 26 2.05 39.86 20.52
C GLN C 26 3.48 39.52 20.02
N LEU C 27 3.83 40.19 18.92
CA LEU C 27 5.07 39.93 18.20
C LEU C 27 6.03 41.07 18.47
N THR C 28 7.14 40.78 19.10
CA THR C 28 8.15 41.79 19.30
C THR C 28 8.78 42.13 17.94
N ALA C 29 9.28 43.35 17.83
CA ALA C 29 10.08 43.72 16.67
C ALA C 29 11.23 42.73 16.50
N ALA C 30 11.88 42.35 17.59
CA ALA C 30 12.92 41.34 17.52
C ALA C 30 12.39 40.03 16.94
N GLN C 31 11.22 39.60 17.39
CA GLN C 31 10.64 38.35 16.88
C GLN C 31 10.35 38.48 15.41
N GLU C 32 9.84 39.63 14.99
CA GLU C 32 9.48 39.84 13.57
C GLU C 32 10.72 39.80 12.73
N LEU C 33 11.77 40.47 13.19
CA LEU C 33 12.99 40.55 12.45
C LEU C 33 13.71 39.19 12.35
N MET C 34 13.65 38.41 13.41
CA MET C 34 14.21 37.07 13.36
C MET C 34 13.43 36.18 12.36
N ILE C 35 12.12 36.26 12.35
CA ILE C 35 11.37 35.43 11.44
C ILE C 35 11.69 35.82 9.99
N GLN C 36 11.85 37.13 9.76
CA GLN C 36 12.16 37.65 8.44
C GLN C 36 13.51 37.11 7.99
N GLN C 37 14.44 37.04 8.89
CA GLN C 37 15.78 36.57 8.58
C GLN C 37 15.76 35.12 8.17
N LEU C 38 14.95 34.32 8.87
CA LEU C 38 14.87 32.89 8.58
C LEU C 38 14.20 32.67 7.25
N VAL C 39 13.10 33.35 7.02
CA VAL C 39 12.45 33.24 5.73
C VAL C 39 13.37 33.71 4.57
N ALA C 40 14.07 34.81 4.77
CA ALA C 40 14.98 35.29 3.74
C ALA C 40 16.10 34.28 3.49
N ALA C 41 16.57 33.64 4.56
CA ALA C 41 17.66 32.69 4.44
C ALA C 41 17.22 31.44 3.67
N GLN C 42 15.96 31.03 3.84
CA GLN C 42 15.46 29.90 3.07
C GLN C 42 15.39 30.24 1.62
N LEU C 43 14.89 31.43 1.27
CA LEU C 43 14.78 31.81 -0.14
C LEU C 43 16.13 31.91 -0.79
N GLN C 44 17.08 32.46 -0.05
CA GLN C 44 18.44 32.60 -0.53
C GLN C 44 19.01 31.20 -0.74
N CYS C 45 18.78 30.30 0.21
CA CYS C 45 19.28 28.94 0.06
C CYS C 45 18.56 28.19 -1.08
N ASN C 46 17.27 28.43 -1.32
CA ASN C 46 16.58 27.82 -2.47
C ASN C 46 17.17 28.23 -3.79
N LYS C 47 17.56 29.50 -3.91
CA LYS C 47 18.11 30.01 -5.16
C LYS C 47 19.43 29.30 -5.49
N ARG C 48 20.30 29.17 -4.49
CA ARG C 48 21.55 28.42 -4.63
C ARG C 48 21.36 27.00 -5.16
N SER C 49 20.39 26.29 -4.59
CA SER C 49 20.05 24.93 -5.02
C SER C 49 19.58 24.90 -6.46
N PHE C 50 18.73 25.85 -6.85
CA PHE C 50 18.32 25.96 -8.25
C PHE C 50 19.50 26.20 -9.27
N SER C 51 20.51 27.00 -8.91
CA SER C 51 21.75 27.12 -9.72
C SER C 51 22.36 25.74 -10.05
N ASP C 52 22.26 24.82 -9.08
CA ASP C 52 22.82 23.47 -9.19
C ASP C 52 21.96 22.47 -9.97
N GLN C 53 20.87 22.93 -10.59
CA GLN C 53 19.97 22.06 -11.36
C GLN C 53 20.65 21.33 -12.52
N PRO C 54 21.42 22.05 -13.38
CA PRO C 54 22.08 21.34 -14.49
C PRO C 54 23.16 20.38 -14.02
N LYS C 55 23.46 20.37 -12.74
CA LYS C 55 24.50 19.54 -12.17
C LYS C 55 24.00 18.13 -11.84
N VAL C 56 22.68 17.93 -11.94
CA VAL C 56 22.06 16.65 -11.62
C VAL C 56 21.95 15.74 -12.84
N THR C 57 22.35 14.49 -12.65
CA THR C 57 22.10 13.44 -13.64
C THR C 57 20.67 13.52 -14.17
N PRO C 58 20.50 13.63 -15.49
CA PRO C 58 19.14 13.82 -15.97
C PRO C 58 18.31 12.56 -15.79
N TRP C 59 17.01 12.76 -15.64
CA TRP C 59 16.07 11.69 -15.43
C TRP C 59 15.96 10.94 -16.75
N PRO C 60 16.21 9.63 -16.76
CA PRO C 60 16.21 8.89 -18.04
C PRO C 60 14.88 9.00 -18.80
N LEU C 61 14.97 9.03 -20.13
CA LEU C 61 13.91 9.56 -20.96
C LEU C 61 12.99 8.64 -21.74
N GLY C 62 13.42 7.54 -22.34
CA GLY C 62 12.41 6.89 -23.19
C GLY C 62 12.20 5.42 -23.45
N ALA C 63 11.92 4.65 -22.43
CA ALA C 63 11.87 3.17 -22.57
C ALA C 63 13.20 2.59 -22.18
N ASP C 64 13.18 1.83 -21.11
CA ASP C 64 14.38 1.44 -20.41
C ASP C 64 15.20 0.43 -21.19
N PRO C 65 16.47 0.73 -21.41
CA PRO C 65 17.32 -0.29 -22.00
C PRO C 65 17.56 -1.47 -21.07
N ALA C 66 17.77 -2.63 -21.68
CA ALA C 66 17.97 -3.88 -20.99
C ALA C 66 19.27 -3.93 -20.19
N SER C 67 20.21 -3.09 -20.59
CA SER C 67 21.32 -2.59 -19.77
C SER C 67 21.03 -2.51 -18.26
N GLY C 68 19.84 -2.05 -17.89
CA GLY C 68 19.51 -1.75 -16.49
C GLY C 68 19.95 -0.36 -16.04
N SER C 69 20.52 0.41 -16.98
CA SER C 69 21.14 1.71 -16.70
C SER C 69 20.17 2.85 -16.37
N ALA C 70 18.90 2.72 -16.71
CA ALA C 70 17.94 3.75 -16.38
C ALA C 70 17.63 3.68 -14.90
N SER C 71 17.55 2.48 -14.33
CA SER C 71 17.40 2.34 -12.88
C SER C 71 18.51 3.04 -12.13
N GLN C 72 19.74 2.76 -12.52
CA GLN C 72 20.89 3.33 -11.83
C GLN C 72 20.83 4.80 -11.99
N GLN C 73 20.34 5.27 -13.13
CA GLN C 73 20.30 6.69 -13.38
C GLN C 73 19.28 7.41 -12.54
N ARG C 74 18.12 6.80 -12.36
CA ARG C 74 17.10 7.38 -11.51
C ARG C 74 17.58 7.42 -10.08
N PHE C 75 18.28 6.39 -9.66
CA PHE C 75 18.80 6.36 -8.30
C PHE C 75 19.89 7.39 -8.09
N ALA C 76 20.71 7.58 -9.11
CA ALA C 76 21.75 8.61 -9.06
C ALA C 76 21.10 9.99 -9.02
N HIS C 77 20.07 10.16 -9.83
CA HIS C 77 19.34 11.41 -9.87
C HIS C 77 18.79 11.78 -8.50
N PHE C 78 18.07 10.87 -7.86
CA PHE C 78 17.51 11.09 -6.52
C PHE C 78 18.57 11.37 -5.45
N THR C 79 19.62 10.58 -5.49
CA THR C 79 20.74 10.74 -4.59
C THR C 79 21.37 12.12 -4.72
N GLU C 80 21.41 12.64 -5.95
CA GLU C 80 22.00 13.92 -6.17
C GLU C 80 21.11 15.01 -5.58
N LEU C 81 19.81 14.88 -5.72
CA LEU C 81 18.88 15.83 -5.07
C LEU C 81 19.02 15.79 -3.52
N ALA C 82 19.18 14.61 -2.96
CA ALA C 82 19.39 14.49 -1.54
C ALA C 82 20.64 15.30 -1.15
N ILE C 83 21.75 15.11 -1.87
CA ILE C 83 22.99 15.86 -1.60
C ILE C 83 22.78 17.39 -1.62
N ILE C 84 22.08 17.86 -2.63
CA ILE C 84 21.86 19.26 -2.74
C ILE C 84 21.02 19.73 -1.55
N SER C 85 20.04 18.92 -1.18
CA SER C 85 19.27 19.23 -0.01
C SER C 85 20.12 19.34 1.26
N VAL C 86 21.10 18.44 1.43
CA VAL C 86 21.94 18.47 2.63
C VAL C 86 22.77 19.74 2.62
N GLN C 87 23.32 20.10 1.46
CA GLN C 87 24.07 21.34 1.32
C GLN C 87 23.16 22.53 1.60
N GLU C 88 21.92 22.46 1.14
CA GLU C 88 20.99 23.57 1.39
C GLU C 88 20.73 23.73 2.90
N ILE C 89 20.64 22.62 3.60
CA ILE C 89 20.31 22.62 5.01
C ILE C 89 21.45 23.15 5.82
N VAL C 90 22.65 22.79 5.42
CA VAL C 90 23.85 23.35 6.04
C VAL C 90 23.98 24.86 5.87
N ASP C 91 23.84 25.38 4.65
CA ASP C 91 23.84 26.84 4.45
C ASP C 91 22.75 27.51 5.27
N PHE C 92 21.59 26.89 5.36
CA PHE C 92 20.53 27.48 6.12
C PHE C 92 20.89 27.53 7.61
N ALA C 93 21.40 26.46 8.18
CA ALA C 93 21.70 26.43 9.62
C ALA C 93 22.70 27.54 10.02
N LYS C 94 23.73 27.69 9.21
CA LYS C 94 24.73 28.75 9.35
C LYS C 94 24.12 30.14 9.45
N GLN C 95 22.94 30.33 8.88
CA GLN C 95 22.27 31.59 8.95
C GLN C 95 21.15 31.63 10.00
N VAL C 96 21.02 30.57 10.79
CA VAL C 96 20.11 30.61 11.90
C VAL C 96 20.86 31.24 13.07
N PRO C 97 20.45 32.45 13.47
CA PRO C 97 21.14 33.12 14.58
C PRO C 97 21.28 32.23 15.81
N GLY C 98 22.52 32.02 16.21
CA GLY C 98 22.85 31.19 17.35
C GLY C 98 23.67 29.99 16.93
N PHE C 99 23.35 29.45 15.75
CA PHE C 99 23.88 28.18 15.38
C PHE C 99 25.38 28.23 15.31
N LEU C 100 25.93 29.33 14.80
CA LEU C 100 27.40 29.43 14.65
C LEU C 100 28.14 29.64 15.96
N GLN C 101 27.44 30.07 17.00
CA GLN C 101 28.05 30.20 18.32
C GLN C 101 28.17 28.89 19.10
N LEU C 102 27.67 27.77 18.59
CA LEU C 102 27.89 26.47 19.22
C LEU C 102 29.20 25.92 18.69
N GLY C 103 29.77 24.97 19.44
CA GLY C 103 30.98 24.34 19.01
C GLY C 103 30.77 23.49 17.79
N ARG C 104 31.85 23.19 17.08
CA ARG C 104 31.75 22.53 15.80
C ARG C 104 31.27 21.07 15.90
N GLU C 105 31.55 20.43 17.02
CA GLU C 105 31.10 19.07 17.16
C GLU C 105 29.61 18.97 17.44
N ASP C 106 29.05 19.99 18.08
CA ASP C 106 27.61 20.01 18.33
C ASP C 106 26.86 20.41 17.07
N GLN C 107 27.36 21.41 16.37
CA GLN C 107 26.80 21.78 15.06
C GLN C 107 26.67 20.56 14.15
N ILE C 108 27.68 19.72 14.15
CA ILE C 108 27.67 18.50 13.36
C ILE C 108 26.66 17.45 13.86
N ALA C 109 26.64 17.24 15.16
CA ALA C 109 25.72 16.30 15.78
C ALA C 109 24.26 16.70 15.58
N LEU C 110 23.97 18.00 15.69
CA LEU C 110 22.63 18.49 15.41
C LEU C 110 22.23 18.31 13.92
N LEU C 111 23.13 18.62 12.99
CA LEU C 111 22.80 18.43 11.58
C LEU C 111 22.69 16.97 11.16
N LYS C 112 23.51 16.10 11.75
CA LYS C 112 23.48 14.66 11.46
C LYS C 112 22.11 14.16 11.75
N ALA C 113 21.63 14.47 12.95
CA ALA C 113 20.34 13.94 13.40
C ALA C 113 19.12 14.55 12.72
N SER C 114 19.21 15.83 12.38
CA SER C 114 18.02 16.55 11.96
C SER C 114 17.84 16.63 10.46
N THR C 115 18.89 16.38 9.72
CA THR C 115 18.84 16.44 8.28
C THR C 115 17.67 15.68 7.65
N ILE C 116 17.52 14.41 7.96
CA ILE C 116 16.48 13.62 7.33
C ILE C 116 15.11 14.23 7.65
N GLU C 117 14.97 14.70 8.88
CA GLU C 117 13.71 15.26 9.33
C GLU C 117 13.43 16.55 8.55
N ILE C 118 14.43 17.39 8.39
CA ILE C 118 14.25 18.61 7.67
C ILE C 118 14.01 18.30 6.21
N MET C 119 14.71 17.31 5.69
CA MET C 119 14.44 16.87 4.32
C MET C 119 12.98 16.52 4.12
N LEU C 120 12.40 15.83 5.11
CA LEU C 120 10.99 15.48 5.06
C LEU C 120 10.08 16.68 5.13
N LEU C 121 10.36 17.62 6.00
CA LEU C 121 9.62 18.85 6.02
C LEU C 121 9.69 19.54 4.67
N GLU C 122 10.89 19.75 4.15
CA GLU C 122 11.02 20.45 2.88
C GLU C 122 10.33 19.65 1.78
N THR C 123 10.31 18.33 1.90
CA THR C 123 9.64 17.50 0.89
C THR C 123 8.14 17.77 0.88
N ALA C 124 7.55 17.77 2.08
CA ALA C 124 6.13 17.97 2.27
C ALA C 124 5.73 19.32 1.68
N ARG C 125 6.57 20.30 1.96
CA ARG C 125 6.35 21.64 1.49
C ARG C 125 6.22 21.72 -0.02
N ARG C 126 6.85 20.80 -0.77
CA ARG C 126 6.76 20.79 -2.23
C ARG C 126 5.73 19.77 -2.78
N TYR C 127 4.81 19.34 -1.94
CA TYR C 127 3.80 18.41 -2.34
C TYR C 127 2.61 19.18 -2.90
N ASN C 128 2.12 18.76 -4.06
CA ASN C 128 0.91 19.27 -4.62
C ASN C 128 -0.17 18.21 -4.43
N HIS C 129 -1.29 18.54 -3.77
CA HIS C 129 -2.30 17.51 -3.47
C HIS C 129 -3.16 17.22 -4.65
N GLU C 130 -3.26 18.15 -5.57
CA GLU C 130 -4.04 17.91 -6.78
C GLU C 130 -3.34 16.90 -7.67
N THR C 131 -2.03 17.00 -7.85
CA THR C 131 -1.36 16.05 -8.71
C THR C 131 -0.80 14.86 -7.95
N GLU C 132 -0.80 14.95 -6.64
CA GLU C 132 -0.20 13.92 -5.80
C GLU C 132 1.26 13.71 -6.20
N CYS C 133 1.92 14.80 -6.59
CA CYS C 133 3.34 14.80 -6.96
C CYS C 133 4.13 15.75 -6.08
N ILE C 134 5.41 15.48 -5.97
CA ILE C 134 6.31 16.33 -5.23
C ILE C 134 7.19 16.98 -6.27
N THR C 135 7.47 18.26 -6.10
CA THR C 135 8.33 18.97 -7.05
C THR C 135 9.66 19.36 -6.42
N PHE C 136 10.73 18.77 -6.94
CA PHE C 136 12.08 19.13 -6.51
C PHE C 136 12.70 20.13 -7.46
N LEU C 137 13.47 21.07 -6.92
CA LEU C 137 14.07 22.20 -7.68
C LEU C 137 12.96 22.95 -8.41
N LYS C 138 13.05 23.19 -9.70
CA LYS C 138 11.99 23.97 -10.32
C LYS C 138 10.93 23.06 -10.92
N ASP C 139 11.38 22.12 -11.74
CA ASP C 139 10.48 21.39 -12.62
C ASP C 139 10.68 19.86 -12.59
N PHE C 140 11.24 19.35 -11.49
CA PHE C 140 11.36 17.91 -11.32
C PHE C 140 10.20 17.38 -10.46
N THR C 141 9.17 16.98 -11.16
CA THR C 141 7.91 16.55 -10.62
C THR C 141 7.87 15.03 -10.60
N TYR C 142 7.60 14.46 -9.43
CA TYR C 142 7.67 13.01 -9.19
C TYR C 142 6.46 12.48 -8.40
N SER C 143 5.89 11.40 -8.88
CA SER C 143 4.82 10.69 -8.19
C SER C 143 5.37 9.58 -7.28
N LYS C 144 4.47 8.89 -6.58
CA LYS C 144 4.85 7.71 -5.85
C LYS C 144 5.62 6.72 -6.71
N ASP C 145 5.11 6.44 -7.89
CA ASP C 145 5.72 5.47 -8.75
C ASP C 145 7.11 5.93 -9.10
N ASP C 146 7.25 7.22 -9.36
CA ASP C 146 8.56 7.74 -9.67
C ASP C 146 9.52 7.44 -8.54
N PHE C 147 9.05 7.55 -7.30
CA PHE C 147 9.89 7.33 -6.15
C PHE C 147 10.28 5.87 -6.17
N HIS C 148 9.36 5.01 -6.60
CA HIS C 148 9.68 3.58 -6.60
C HIS C 148 10.71 3.25 -7.67
N ARG C 149 10.53 3.84 -8.84
CA ARG C 149 11.44 3.65 -9.93
C ARG C 149 12.83 4.13 -9.57
N ALA C 150 12.93 5.10 -8.64
CA ALA C 150 14.24 5.66 -8.23
C ALA C 150 14.94 4.80 -7.22
N GLY C 151 14.25 3.79 -6.70
CA GLY C 151 14.89 2.80 -5.83
C GLY C 151 14.46 2.78 -4.36
N LEU C 152 13.52 3.65 -3.97
CA LEU C 152 13.05 3.68 -2.61
C LEU C 152 11.95 2.65 -2.45
N GLN C 153 11.75 2.18 -1.23
CA GLN C 153 10.78 1.12 -1.01
C GLN C 153 9.46 1.71 -0.51
N VAL C 154 8.38 0.97 -0.73
CA VAL C 154 7.03 1.42 -0.39
C VAL C 154 6.85 1.70 1.09
N GLU C 155 7.55 0.94 1.92
CA GLU C 155 7.47 1.12 3.37
C GLU C 155 7.98 2.49 3.75
N PHE C 156 8.80 3.11 2.90
CA PHE C 156 9.30 4.46 3.09
C PHE C 156 8.49 5.52 2.34
N ILE C 157 8.12 5.19 1.12
CA ILE C 157 7.43 6.13 0.26
C ILE C 157 6.06 6.49 0.80
N ASN C 158 5.30 5.48 1.24
CA ASN C 158 3.98 5.71 1.76
C ASN C 158 3.93 6.64 2.95
N PRO C 159 4.77 6.39 3.96
CA PRO C 159 4.86 7.35 5.03
C PRO C 159 5.20 8.78 4.59
N ILE C 160 6.11 8.91 3.65
CA ILE C 160 6.51 10.24 3.13
C ILE C 160 5.31 10.99 2.57
N PHE C 161 4.51 10.28 1.77
CA PHE C 161 3.33 10.90 1.17
C PHE C 161 2.23 11.10 2.21
N GLU C 162 2.13 10.23 3.21
CA GLU C 162 1.15 10.41 4.27
C GLU C 162 1.54 11.67 5.05
N PHE C 163 2.83 11.81 5.34
CA PHE C 163 3.27 12.96 6.10
C PHE C 163 3.04 14.25 5.31
N SER C 164 3.29 14.22 4.00
CA SER C 164 3.04 15.39 3.16
C SER C 164 1.58 15.80 3.18
N ARG C 165 0.67 14.82 3.03
CA ARG C 165 -0.75 15.09 3.16
C ARG C 165 -1.09 15.72 4.52
N ALA C 166 -0.53 15.17 5.58
CA ALA C 166 -0.81 15.67 6.93
C ALA C 166 -0.35 17.14 7.10
N MET C 167 0.81 17.48 6.54
CA MET C 167 1.34 18.85 6.62
C MET C 167 0.47 19.83 5.80
N ARG C 168 0.00 19.38 4.64
CA ARG C 168 -0.88 20.17 3.82
C ARG C 168 -2.20 20.49 4.52
N ARG C 169 -2.77 19.53 5.24
CA ARG C 169 -3.97 19.80 6.05
C ARG C 169 -3.73 20.98 7.01
N LEU C 170 -2.53 21.11 7.55
CA LEU C 170 -2.21 22.22 8.45
C LEU C 170 -2.17 23.62 7.84
N GLY C 171 -1.84 23.73 6.55
CA GLY C 171 -1.84 25.04 5.89
C GLY C 171 -0.76 26.05 6.32
N LEU C 172 0.42 25.55 6.64
CA LEU C 172 1.50 26.38 7.12
C LEU C 172 2.00 27.34 6.09
N ASP C 173 2.44 28.52 6.53
CA ASP C 173 3.12 29.50 5.65
C ASP C 173 4.65 29.43 5.79
N ASP C 174 5.34 30.23 5.00
CA ASP C 174 6.77 30.09 4.90
C ASP C 174 7.44 30.38 6.21
N ALA C 175 6.92 31.35 6.94
CA ALA C 175 7.45 31.68 8.28
C ALA C 175 7.32 30.49 9.25
N GLU C 176 6.19 29.80 9.20
CA GLU C 176 5.95 28.70 10.11
C GLU C 176 6.93 27.58 9.77
N TYR C 177 7.07 27.25 8.48
CA TYR C 177 7.99 26.20 8.10
C TYR C 177 9.38 26.52 8.56
N ALA C 178 9.83 27.73 8.29
CA ALA C 178 11.18 28.12 8.67
C ALA C 178 11.38 28.00 10.18
N LEU C 179 10.40 28.42 10.95
CA LEU C 179 10.51 28.35 12.38
C LEU C 179 10.61 26.89 12.84
N LEU C 180 9.78 26.04 12.26
CA LEU C 180 9.71 24.67 12.70
C LEU C 180 11.02 23.97 12.37
N ILE C 181 11.64 24.36 11.28
CA ILE C 181 12.97 23.84 10.96
C ILE C 181 14.02 24.29 11.97
N ALA C 182 14.03 25.57 12.30
CA ALA C 182 14.94 26.09 13.33
C ALA C 182 14.75 25.34 14.65
N ILE C 183 13.51 25.17 15.06
CA ILE C 183 13.25 24.45 16.29
C ILE C 183 13.77 23.01 16.23
N ASN C 184 13.67 22.43 15.08
CA ASN C 184 14.02 21.02 14.93
C ASN C 184 15.53 20.87 15.08
N ILE C 185 16.27 21.80 14.48
CA ILE C 185 17.73 21.78 14.59
C ILE C 185 18.14 21.83 16.03
N PHE C 186 17.54 22.75 16.79
CA PHE C 186 17.96 22.88 18.19
C PHE C 186 17.26 21.91 19.14
N SER C 187 17.35 20.61 18.85
CA SER C 187 16.85 19.55 19.74
C SER C 187 18.02 19.02 20.56
N ALA C 188 17.94 19.20 21.87
CA ALA C 188 19.09 18.90 22.72
C ALA C 188 19.34 17.41 22.91
N ASP C 189 18.34 16.59 22.63
CA ASP C 189 18.44 15.17 22.90
C ASP C 189 19.14 14.37 21.81
N ARG C 190 19.76 14.98 20.81
CA ARG C 190 20.37 14.17 19.75
C ARG C 190 21.64 13.47 20.23
N PRO C 191 22.01 12.38 19.57
CA PRO C 191 23.24 11.71 19.99
C PRO C 191 24.43 12.65 19.93
N ASN C 192 25.23 12.64 21.01
CA ASN C 192 26.58 13.23 21.06
C ASN C 192 26.60 14.74 21.18
N VAL C 193 25.53 15.29 21.70
CA VAL C 193 25.49 16.69 22.02
C VAL C 193 26.21 16.90 23.35
N GLN C 194 27.30 17.63 23.31
CA GLN C 194 28.11 17.90 24.47
C GLN C 194 27.60 19.07 25.31
N GLU C 195 26.83 19.99 24.73
CA GLU C 195 26.34 21.18 25.46
C GLU C 195 24.82 21.34 25.32
N PRO C 196 24.07 20.38 25.83
CA PRO C 196 22.62 20.42 25.58
C PRO C 196 21.90 21.60 26.20
N GLY C 197 22.37 22.06 27.36
CA GLY C 197 21.78 23.22 28.01
C GLY C 197 21.82 24.43 27.10
N ARG C 198 22.92 24.60 26.37
CA ARG C 198 23.01 25.65 25.38
C ARG C 198 22.01 25.48 24.24
N VAL C 199 21.80 24.24 23.79
CA VAL C 199 20.90 24.00 22.68
C VAL C 199 19.45 24.23 23.06
N GLU C 200 19.05 23.83 24.26
CA GLU C 200 17.70 24.08 24.73
C GLU C 200 17.42 25.57 24.85
N ALA C 201 18.41 26.34 25.24
CA ALA C 201 18.24 27.76 25.43
C ALA C 201 18.08 28.44 24.07
N LEU C 202 18.86 27.99 23.08
CA LEU C 202 18.66 28.43 21.70
C LEU C 202 17.29 28.10 21.14
N GLN C 203 16.77 26.95 21.54
CA GLN C 203 15.53 26.48 20.99
C GLN C 203 14.39 27.31 21.51
N GLN C 204 14.45 27.69 22.77
CA GLN C 204 13.31 28.32 23.46
C GLN C 204 12.70 29.57 22.74
N PRO C 205 13.52 30.58 22.41
CA PRO C 205 13.01 31.75 21.67
C PRO C 205 12.29 31.42 20.37
N TYR C 206 12.85 30.47 19.62
CA TYR C 206 12.22 29.99 18.38
C TYR C 206 10.87 29.36 18.67
N VAL C 207 10.76 28.62 19.76
CA VAL C 207 9.47 28.09 20.15
C VAL C 207 8.53 29.23 20.53
N GLU C 208 9.05 30.21 21.27
CA GLU C 208 8.27 31.38 21.67
C GLU C 208 7.80 32.20 20.48
N ALA C 209 8.66 32.40 19.51
CA ALA C 209 8.29 33.17 18.33
C ALA C 209 7.22 32.45 17.52
N LEU C 210 7.28 31.11 17.49
CA LEU C 210 6.28 30.35 16.78
C LEU C 210 4.93 30.44 17.46
N LEU C 211 4.91 30.35 18.78
CA LEU C 211 3.66 30.57 19.51
C LEU C 211 3.04 31.95 19.11
N SER C 212 3.84 33.00 19.23
CA SER C 212 3.34 34.34 18.98
C SER C 212 2.88 34.44 17.54
N TYR C 213 3.73 34.03 16.61
CA TYR C 213 3.38 34.10 15.18
C TYR C 213 2.10 33.38 14.86
N THR C 214 1.91 32.13 15.32
CA THR C 214 0.69 31.41 14.96
C THR C 214 -0.56 31.93 15.64
N ARG C 215 -0.42 32.46 16.83
CA ARG C 215 -1.58 33.00 17.56
C ARG C 215 -2.06 34.32 16.93
N ILE C 216 -1.16 35.01 16.22
CA ILE C 216 -1.51 36.21 15.52
C ILE C 216 -2.07 35.93 14.13
N LYS C 217 -1.42 35.01 13.41
CA LYS C 217 -1.91 34.54 12.13
C LYS C 217 -3.32 33.97 12.23
N ARG C 218 -3.62 33.21 13.26
CA ARG C 218 -4.97 32.60 13.37
C ARG C 218 -5.44 32.62 14.79
N PRO C 219 -5.92 33.77 15.27
CA PRO C 219 -6.25 33.86 16.70
C PRO C 219 -7.45 33.00 17.13
N GLN C 220 -8.32 32.70 16.18
CA GLN C 220 -9.47 31.82 16.40
C GLN C 220 -9.18 30.30 16.40
N ASP C 221 -7.92 29.89 16.14
CA ASP C 221 -7.52 28.46 16.06
C ASP C 221 -6.35 28.12 17.01
N GLN C 222 -6.70 27.75 18.24
CA GLN C 222 -5.71 27.58 19.28
C GLN C 222 -4.90 26.28 19.17
N LEU C 223 -5.41 25.32 18.41
CA LEU C 223 -4.72 24.06 18.22
C LEU C 223 -3.55 24.09 17.21
N ARG C 224 -3.38 25.20 16.52
CA ARG C 224 -2.42 25.21 15.43
C ARG C 224 -1.02 24.96 15.96
N PHE C 225 -0.71 25.59 17.09
CA PHE C 225 0.63 25.51 17.68
C PHE C 225 1.03 24.11 18.15
N PRO C 226 0.20 23.45 18.97
CA PRO C 226 0.51 22.04 19.34
C PRO C 226 0.45 21.05 18.18
N ARG C 227 -0.38 21.30 17.20
CA ARG C 227 -0.36 20.47 16.00
C ARG C 227 0.99 20.52 15.34
N MET C 228 1.52 21.72 15.19
CA MET C 228 2.84 21.86 14.64
C MET C 228 3.90 21.16 15.50
N LEU C 229 3.85 21.38 16.79
CA LEU C 229 4.89 20.87 17.63
C LEU C 229 4.89 19.37 17.56
N MET C 230 3.71 18.78 17.52
CA MET C 230 3.58 17.33 17.46
C MET C 230 4.10 16.70 16.18
N LYS C 231 4.25 17.48 15.13
CA LYS C 231 4.97 17.02 13.92
C LYS C 231 6.43 16.67 14.22
N LEU C 232 7.04 17.34 15.19
CA LEU C 232 8.36 16.94 15.64
C LEU C 232 8.38 15.48 16.14
N VAL C 233 7.29 14.99 16.72
CA VAL C 233 7.19 13.61 17.16
C VAL C 233 7.08 12.66 15.96
N SER C 234 6.17 12.98 15.05
CA SER C 234 6.06 12.26 13.78
C SER C 234 7.39 12.09 13.09
N LEU C 235 8.17 13.16 13.09
CA LEU C 235 9.46 13.14 12.43
C LEU C 235 10.45 12.17 13.10
N ARG C 236 10.32 11.93 14.41
CA ARG C 236 11.23 10.97 15.02
C ARG C 236 10.91 9.60 14.49
N THR C 237 9.64 9.31 14.34
CA THR C 237 9.27 8.03 13.76
C THR C 237 9.76 7.90 12.32
N LEU C 238 9.56 8.95 11.53
CA LEU C 238 9.94 8.92 10.15
C LEU C 238 11.43 8.76 9.98
N SER C 239 12.20 9.43 10.82
CA SER C 239 13.63 9.20 10.89
C SER C 239 13.93 7.71 11.04
N SER C 240 13.16 7.03 11.87
CA SER C 240 13.30 5.60 12.04
C SER C 240 12.90 4.75 10.81
N VAL C 241 11.85 5.16 10.12
CA VAL C 241 11.46 4.47 8.90
C VAL C 241 12.58 4.64 7.85
N HIS C 242 13.26 5.76 7.90
CA HIS C 242 14.36 5.99 7.00
C HIS C 242 15.55 5.06 7.27
N SER C 243 15.87 4.80 8.53
CA SER C 243 16.86 3.79 8.88
C SER C 243 16.53 2.42 8.27
N GLU C 244 15.26 2.06 8.29
CA GLU C 244 14.85 0.83 7.64
C GLU C 244 15.08 0.85 6.13
N GLN C 245 15.00 2.02 5.51
CA GLN C 245 15.23 2.16 4.10
C GLN C 245 16.72 1.98 3.81
N VAL C 246 17.57 2.57 4.64
CA VAL C 246 19.00 2.43 4.52
C VAL C 246 19.42 0.99 4.65
N PHE C 247 18.80 0.28 5.57
CA PHE C 247 19.13 -1.12 5.76
C PHE C 247 18.81 -1.90 4.48
N ALA C 248 17.68 -1.60 3.86
CA ALA C 248 17.30 -2.22 2.59
C ALA C 248 18.28 -1.92 1.45
N LEU C 249 18.79 -0.68 1.39
CA LEU C 249 19.75 -0.34 0.36
C LEU C 249 21.04 -1.16 0.45
N ARG C 250 21.53 -1.37 1.68
CA ARG C 250 22.73 -2.18 1.82
C ARG C 250 22.41 -3.57 1.28
N LEU C 251 21.31 -4.14 1.73
CA LEU C 251 20.80 -5.42 1.24
C LEU C 251 20.85 -5.53 -0.29
N GLN C 252 20.43 -4.47 -0.96
CA GLN C 252 20.43 -4.45 -2.42
C GLN C 252 21.77 -4.03 -3.02
N ASP C 253 22.76 -3.77 -2.19
CA ASP C 253 24.07 -3.31 -2.66
C ASP C 253 24.02 -2.01 -3.43
N LYS C 254 23.06 -1.15 -3.09
CA LYS C 254 23.05 0.20 -3.62
C LYS C 254 23.96 1.00 -2.70
N LYS C 255 24.92 1.73 -3.27
CA LYS C 255 25.88 2.48 -2.49
C LYS C 255 25.64 3.99 -2.51
N LEU C 256 25.77 4.57 -1.33
CA LEU C 256 25.48 5.96 -1.10
C LEU C 256 26.77 6.75 -1.25
N PRO C 257 26.68 7.97 -1.79
CA PRO C 257 27.88 8.82 -1.89
C PRO C 257 28.37 9.17 -0.52
N PRO C 258 29.66 9.56 -0.41
CA PRO C 258 30.31 9.85 0.86
C PRO C 258 29.47 10.72 1.78
N LEU C 259 28.96 11.83 1.25
CA LEU C 259 28.26 12.76 2.12
C LEU C 259 27.11 12.09 2.88
N LEU C 260 26.32 11.28 2.18
CA LEU C 260 25.15 10.65 2.78
C LEU C 260 25.54 9.47 3.69
N SER C 261 26.60 8.76 3.36
CA SER C 261 27.11 7.71 4.24
C SER C 261 27.57 8.29 5.53
N GLU C 262 28.31 9.40 5.44
CA GLU C 262 28.82 10.09 6.62
C GLU C 262 27.65 10.42 7.53
N ILE C 263 26.71 11.18 6.98
CA ILE C 263 25.61 11.76 7.74
C ILE C 263 24.65 10.71 8.33
N TRP C 264 24.51 9.56 7.69
CA TRP C 264 23.59 8.54 8.13
C TRP C 264 24.26 7.22 8.57
N ASP C 265 25.58 7.23 8.72
CA ASP C 265 26.38 6.04 9.10
C ASP C 265 26.24 4.82 8.16
N VAL C 266 26.97 4.80 7.04
CA VAL C 266 26.99 3.62 6.12
C VAL C 266 28.36 3.45 5.42
N LYS C 276 34.38 14.50 8.30
CA LYS C 276 35.19 14.99 7.20
C LYS C 276 34.44 16.01 6.36
N ILE C 277 33.37 15.58 5.67
CA ILE C 277 32.79 16.37 4.57
C ILE C 277 31.83 17.40 5.13
N LEU C 278 31.05 16.97 6.11
CA LEU C 278 30.16 17.87 6.81
C LEU C 278 30.95 18.99 7.46
N HIS C 279 32.03 18.60 8.10
CA HIS C 279 33.03 19.51 8.66
C HIS C 279 33.46 20.56 7.64
N ARG C 280 33.91 20.08 6.48
CA ARG C 280 34.33 20.97 5.38
C ARG C 280 33.21 21.94 5.01
N LEU C 281 32.02 21.42 4.77
CA LEU C 281 30.86 22.25 4.39
C LEU C 281 30.57 23.36 5.40
N LEU C 282 30.75 23.05 6.68
CA LEU C 282 30.57 24.06 7.71
C LEU C 282 31.66 25.10 7.69
N GLN C 283 32.88 24.63 7.41
CA GLN C 283 34.09 25.46 7.43
C GLN C 283 34.07 26.50 6.33
N ASP C 284 33.51 26.19 5.16
CA ASP C 284 33.33 27.23 4.12
C ASP C 284 32.50 28.41 4.63
N GLU D 6 -15.80 20.63 30.00
CA GLU D 6 -14.87 20.13 28.94
C GLU D 6 -15.24 18.73 28.44
N GLU D 7 -14.80 18.47 27.21
CA GLU D 7 -15.11 17.24 26.52
C GLU D 7 -14.08 16.16 26.92
N MET D 8 -12.94 16.62 27.42
CA MET D 8 -11.85 15.80 27.91
C MET D 8 -11.35 16.43 29.20
N PRO D 9 -12.07 16.22 30.31
CA PRO D 9 -11.71 16.93 31.54
C PRO D 9 -10.46 16.36 32.18
N VAL D 10 -9.62 17.25 32.68
CA VAL D 10 -8.38 16.84 33.30
C VAL D 10 -8.61 16.12 34.60
N ASP D 11 -9.72 16.43 35.26
CA ASP D 11 -10.07 15.74 36.49
C ASP D 11 -10.08 14.22 36.30
N ARG D 12 -10.72 13.76 35.23
CA ARG D 12 -10.89 12.31 35.03
C ARG D 12 -9.56 11.65 34.68
N ILE D 13 -8.66 12.43 34.05
CA ILE D 13 -7.32 11.98 33.71
C ILE D 13 -6.44 11.86 34.96
N LEU D 14 -6.52 12.84 35.85
CA LEU D 14 -5.84 12.74 37.14
C LEU D 14 -6.32 11.52 37.96
N GLU D 15 -7.63 11.29 37.98
CA GLU D 15 -8.18 10.13 38.66
C GLU D 15 -7.52 8.90 38.11
N ALA D 16 -7.34 8.83 36.79
CA ALA D 16 -6.75 7.64 36.18
C ALA D 16 -5.30 7.40 36.68
N GLU D 17 -4.49 8.43 36.77
CA GLU D 17 -3.11 8.23 37.27
C GLU D 17 -3.10 7.76 38.74
N LEU D 18 -3.94 8.38 39.56
CA LEU D 18 -3.97 8.08 41.00
C LEU D 18 -4.59 6.71 41.22
N ALA D 19 -5.65 6.42 40.49
CA ALA D 19 -6.29 5.11 40.57
C ALA D 19 -5.33 3.98 40.32
N VAL D 20 -4.17 4.24 39.76
CA VAL D 20 -3.12 3.21 39.64
C VAL D 20 -1.91 3.58 40.52
N GLU D 21 -2.18 3.95 41.78
CA GLU D 21 -1.15 4.17 42.84
C GLU D 21 -0.10 5.25 42.53
N PRO D 44 18.65 -8.79 36.36
CA PRO D 44 18.89 -7.36 36.20
C PRO D 44 18.25 -6.85 34.92
N VAL D 45 18.65 -7.45 33.80
CA VAL D 45 18.00 -7.27 32.50
C VAL D 45 16.56 -7.76 32.54
N THR D 46 16.33 -8.83 33.31
CA THR D 46 15.04 -9.51 33.33
C THR D 46 14.11 -8.93 34.37
N ASN D 47 14.66 -8.15 35.30
CA ASN D 47 13.80 -7.47 36.28
C ASN D 47 12.93 -6.41 35.62
N ILE D 48 13.50 -5.74 34.63
CA ILE D 48 12.79 -4.75 33.90
C ILE D 48 11.67 -5.47 33.19
N CYS D 49 11.98 -6.60 32.57
CA CYS D 49 10.96 -7.38 31.85
C CYS D 49 9.84 -7.91 32.74
N GLN D 50 10.16 -8.29 33.98
CA GLN D 50 9.12 -8.70 34.95
C GLN D 50 8.22 -7.52 35.28
N ALA D 51 8.81 -6.38 35.64
CA ALA D 51 8.03 -5.18 35.97
C ALA D 51 7.12 -4.76 34.82
N ALA D 52 7.63 -4.82 33.60
CA ALA D 52 6.84 -4.47 32.41
C ALA D 52 5.62 -5.35 32.24
N ASP D 53 5.79 -6.67 32.42
CA ASP D 53 4.65 -7.59 32.30
C ASP D 53 3.54 -7.24 33.27
N LYS D 54 3.89 -6.87 34.49
CA LYS D 54 2.87 -6.47 35.49
C LYS D 54 2.23 -5.15 35.12
N GLN D 55 3.04 -4.17 34.75
CA GLN D 55 2.53 -2.84 34.50
C GLN D 55 1.63 -2.82 33.29
N LEU D 56 1.81 -3.78 32.38
CA LEU D 56 0.89 -3.90 31.26
C LEU D 56 -0.55 -4.10 31.72
N PHE D 57 -0.76 -4.86 32.79
CA PHE D 57 -2.12 -5.12 33.32
C PHE D 57 -2.73 -3.84 33.89
N THR D 58 -1.95 -3.13 34.68
CA THR D 58 -2.35 -1.83 35.18
C THR D 58 -2.64 -0.84 34.06
N LEU D 59 -1.86 -0.90 32.98
CA LEU D 59 -2.01 0.04 31.88
C LEU D 59 -3.37 -0.11 31.22
N VAL D 60 -3.81 -1.34 31.00
CA VAL D 60 -5.14 -1.52 30.42
C VAL D 60 -6.21 -0.87 31.31
N GLU D 61 -6.06 -1.00 32.62
CA GLU D 61 -7.01 -0.40 33.52
C GLU D 61 -6.86 1.12 33.56
N TRP D 62 -5.66 1.64 33.38
CA TRP D 62 -5.50 3.10 33.30
C TRP D 62 -6.21 3.64 32.06
N ALA D 63 -6.05 2.95 30.93
CA ALA D 63 -6.61 3.45 29.69
C ALA D 63 -8.11 3.47 29.74
N LYS D 64 -8.70 2.49 30.43
CA LYS D 64 -10.16 2.40 30.57
C LYS D 64 -10.72 3.63 31.28
N ARG D 65 -9.96 4.14 32.25
CA ARG D 65 -10.32 5.34 32.98
C ARG D 65 -10.14 6.65 32.21
N ILE D 66 -9.63 6.59 30.98
CA ILE D 66 -9.32 7.80 30.25
C ILE D 66 -10.56 8.13 29.45
N PRO D 67 -11.04 9.37 29.55
CA PRO D 67 -12.28 9.70 28.86
C PRO D 67 -12.30 9.29 27.39
N HIS D 68 -13.33 8.55 27.01
CA HIS D 68 -13.67 8.23 25.63
C HIS D 68 -12.85 7.13 25.07
N PHE D 69 -11.88 6.63 25.82
CA PHE D 69 -11.10 5.49 25.30
C PHE D 69 -11.96 4.24 25.03
N SER D 70 -12.79 3.82 25.99
CA SER D 70 -13.63 2.59 25.78
C SER D 70 -14.82 2.80 24.84
N SER D 71 -15.19 4.05 24.55
CA SER D 71 -16.20 4.36 23.53
C SER D 71 -15.71 3.99 22.12
N LEU D 72 -14.39 3.98 21.93
CA LEU D 72 -13.85 3.59 20.63
C LEU D 72 -14.15 2.12 20.35
N PRO D 73 -14.27 1.78 19.07
CA PRO D 73 -14.27 0.40 18.64
C PRO D 73 -13.20 -0.44 19.34
N LEU D 74 -13.52 -1.68 19.63
CA LEU D 74 -12.65 -2.58 20.38
C LEU D 74 -11.32 -2.83 19.70
N ASP D 75 -11.35 -3.02 18.39
CA ASP D 75 -10.12 -3.31 17.64
C ASP D 75 -9.20 -2.11 17.62
N ASP D 76 -9.78 -0.92 17.66
CA ASP D 76 -9.00 0.30 17.77
C ASP D 76 -8.39 0.50 19.18
N GLN D 77 -9.14 0.22 20.23
CA GLN D 77 -8.56 0.19 21.56
C GLN D 77 -7.33 -0.72 21.64
N VAL D 78 -7.38 -1.84 20.94
CA VAL D 78 -6.28 -2.80 20.93
C VAL D 78 -5.10 -2.22 20.16
N ILE D 79 -5.39 -1.59 19.01
CA ILE D 79 -4.34 -1.04 18.18
C ILE D 79 -3.54 0.04 18.92
N LEU D 80 -4.25 0.94 19.61
CA LEU D 80 -3.62 2.04 20.32
C LEU D 80 -2.71 1.56 21.44
N LEU D 81 -3.13 0.49 22.10
CA LEU D 81 -2.42 0.00 23.25
C LEU D 81 -1.23 -0.82 22.76
N ARG D 82 -1.32 -1.43 21.59
CA ARG D 82 -0.14 -2.08 21.01
C ARG D 82 0.89 -1.06 20.54
N ALA D 83 0.40 0.01 19.93
CA ALA D 83 1.26 1.06 19.45
C ALA D 83 1.89 1.89 20.57
N GLY D 84 1.25 2.03 21.74
CA GLY D 84 1.72 2.97 22.74
C GLY D 84 2.30 2.43 24.04
N TRP D 85 2.15 1.14 24.31
CA TRP D 85 2.42 0.68 25.68
C TRP D 85 3.83 1.04 26.14
N ASN D 86 4.76 0.96 25.21
CA ASN D 86 6.14 1.17 25.50
C ASN D 86 6.40 2.58 26.01
N GLU D 87 6.00 3.58 25.21
CA GLU D 87 6.18 4.97 25.62
C GLU D 87 5.31 5.25 26.83
N LEU D 88 4.09 4.71 26.86
CA LEU D 88 3.23 4.86 28.06
C LEU D 88 3.90 4.43 29.36
N LEU D 89 4.52 3.26 29.38
CA LEU D 89 5.22 2.78 30.59
C LEU D 89 6.48 3.55 30.94
N ILE D 90 7.26 3.91 29.95
CA ILE D 90 8.48 4.64 30.20
C ILE D 90 8.18 5.97 30.84
N ALA D 91 7.12 6.63 30.39
CA ALA D 91 6.76 7.91 30.98
C ALA D 91 6.33 7.70 32.40
N SER D 92 5.63 6.59 32.65
CA SER D 92 5.15 6.33 34.00
C SER D 92 6.30 6.02 34.99
N PHE D 93 7.25 5.15 34.62
CA PHE D 93 8.36 4.90 35.55
C PHE D 93 9.33 6.07 35.68
N SER D 94 9.41 6.90 34.64
CA SER D 94 10.28 8.08 34.72
C SER D 94 9.76 9.04 35.78
N HIS D 95 8.47 9.32 35.74
CA HIS D 95 7.84 10.20 36.72
C HIS D 95 7.88 9.58 38.13
N ARG D 96 7.70 8.27 38.22
CA ARG D 96 7.79 7.57 39.52
C ARG D 96 9.18 7.68 40.14
N SER D 97 10.18 7.77 39.30
CA SER D 97 11.56 7.84 39.76
C SER D 97 12.08 9.24 40.07
N ILE D 98 11.23 10.26 40.15
CA ILE D 98 11.70 11.63 40.45
C ILE D 98 12.51 11.73 41.75
N ASP D 99 12.13 10.99 42.79
CA ASP D 99 12.82 11.06 44.08
C ASP D 99 14.12 10.26 44.11
N VAL D 100 14.13 9.14 43.41
CA VAL D 100 15.35 8.35 43.23
C VAL D 100 16.51 9.21 42.70
N ARG D 101 17.74 8.81 43.02
CA ARG D 101 18.92 9.50 42.58
C ARG D 101 19.78 8.57 41.76
N ASP D 102 20.09 8.96 40.53
CA ASP D 102 20.82 8.12 39.57
C ASP D 102 20.23 6.72 39.40
N GLY D 103 18.92 6.63 39.24
CA GLY D 103 18.28 5.35 39.02
C GLY D 103 16.79 5.47 38.82
N ILE D 104 16.13 4.34 38.54
CA ILE D 104 14.70 4.30 38.37
C ILE D 104 14.05 3.28 39.30
N LEU D 105 12.82 3.59 39.70
CA LEU D 105 12.04 2.77 40.60
C LEU D 105 10.98 2.04 39.79
N LEU D 106 11.11 0.73 39.73
CA LEU D 106 10.14 -0.09 39.00
C LEU D 106 8.91 -0.31 39.87
N ALA D 107 7.80 -0.66 39.23
CA ALA D 107 6.54 -0.83 39.97
C ALA D 107 6.58 -2.10 40.85
N THR D 108 7.45 -3.02 40.47
CA THR D 108 7.73 -4.19 41.23
C THR D 108 8.50 -3.90 42.54
N GLY D 109 8.66 -2.62 42.90
CA GLY D 109 9.39 -2.19 44.10
C GLY D 109 10.90 -2.17 43.95
N LEU D 110 11.41 -2.78 42.88
CA LEU D 110 12.84 -2.88 42.71
C LEU D 110 13.43 -1.58 42.14
N HIS D 111 14.64 -1.28 42.59
CA HIS D 111 15.43 -0.18 42.06
C HIS D 111 16.36 -0.73 40.99
N VAL D 112 16.78 0.15 40.09
CA VAL D 112 17.87 -0.14 39.19
C VAL D 112 18.80 1.05 39.15
N HIS D 113 20.09 0.81 39.39
CA HIS D 113 21.06 1.87 39.52
C HIS D 113 21.87 1.95 38.23
N ARG D 114 22.44 3.11 37.98
CA ARG D 114 23.35 3.37 36.85
C ARG D 114 24.43 2.31 36.64
N ASN D 115 25.10 1.91 37.71
CA ASN D 115 26.22 0.98 37.64
C ASN D 115 25.78 -0.35 37.01
N SER D 116 24.68 -0.93 37.49
CA SER D 116 24.20 -2.20 36.92
C SER D 116 23.79 -2.06 35.45
N ALA D 117 23.13 -0.95 35.12
CA ALA D 117 22.66 -0.73 33.76
C ALA D 117 23.82 -0.80 32.75
N HIS D 118 24.93 -0.14 33.06
CA HIS D 118 26.14 -0.18 32.24
C HIS D 118 26.82 -1.54 32.24
N SER D 119 26.76 -2.25 33.37
CA SER D 119 27.27 -3.63 33.42
C SER D 119 26.53 -4.50 32.43
N ALA D 120 25.21 -4.32 32.36
CA ALA D 120 24.35 -5.11 31.48
C ALA D 120 24.25 -4.57 30.04
N GLY D 121 25.11 -3.62 29.65
CA GLY D 121 25.16 -3.09 28.26
C GLY D 121 23.95 -2.27 27.83
N VAL D 122 23.22 -1.75 28.82
CA VAL D 122 22.01 -0.97 28.60
C VAL D 122 22.15 0.47 29.18
N GLY D 123 23.39 0.94 29.22
CA GLY D 123 23.74 2.13 29.99
C GLY D 123 23.48 3.42 29.26
N ALA D 124 23.71 3.43 27.95
CA ALA D 124 23.47 4.63 27.15
C ALA D 124 22.00 5.07 27.23
N ILE D 125 21.08 4.13 26.99
CA ILE D 125 19.65 4.43 27.02
C ILE D 125 19.17 4.78 28.43
N PHE D 126 19.74 4.12 29.41
CA PHE D 126 19.42 4.47 30.76
C PHE D 126 19.79 5.94 31.05
N ASP D 127 20.98 6.39 30.67
CA ASP D 127 21.41 7.78 30.91
C ASP D 127 20.51 8.79 30.18
N ARG D 128 20.02 8.42 29.01
CA ARG D 128 19.11 9.29 28.29
C ARG D 128 17.77 9.41 29.02
N VAL D 129 17.29 8.30 29.56
CA VAL D 129 16.06 8.34 30.33
C VAL D 129 16.22 9.32 31.50
N LEU D 130 17.36 9.29 32.17
CA LEU D 130 17.52 10.14 33.33
C LEU D 130 17.70 11.57 32.91
N THR D 131 18.49 11.79 31.87
CA THR D 131 18.78 13.15 31.45
C THR D 131 17.56 13.80 30.84
N GLU D 132 16.86 13.08 29.97
CA GLU D 132 15.75 13.67 29.18
C GLU D 132 14.36 13.55 29.80
N LEU D 133 14.17 12.59 30.68
CA LEU D 133 12.85 12.34 31.20
C LEU D 133 12.78 12.62 32.68
N VAL D 134 13.51 11.85 33.48
CA VAL D 134 13.39 11.96 34.94
C VAL D 134 13.84 13.33 35.41
N SER D 135 15.06 13.69 35.06
CA SER D 135 15.64 14.97 35.43
C SER D 135 14.79 16.16 34.97
N LYS D 136 14.17 16.09 33.81
CA LYS D 136 13.38 17.21 33.29
C LYS D 136 12.05 17.27 34.00
N MET D 137 11.51 16.10 34.30
CA MET D 137 10.28 16.04 35.09
C MET D 137 10.53 16.59 36.50
N ARG D 138 11.71 16.32 37.06
CA ARG D 138 12.05 16.82 38.38
C ARG D 138 12.15 18.33 38.39
N ASP D 139 12.94 18.88 37.46
CA ASP D 139 13.23 20.32 37.44
C ASP D 139 12.04 21.21 37.11
N MET D 140 11.03 20.66 36.47
CA MET D 140 9.81 21.40 36.14
C MET D 140 8.73 21.10 37.16
N ARG D 141 9.04 20.24 38.13
CA ARG D 141 8.04 19.73 39.08
C ARG D 141 6.79 19.35 38.30
N MET D 142 6.96 18.44 37.35
CA MET D 142 5.85 18.00 36.53
C MET D 142 4.86 17.34 37.43
N ASP D 143 3.61 17.80 37.41
CA ASP D 143 2.60 17.20 38.27
C ASP D 143 1.86 16.05 37.60
N LYS D 144 0.98 15.43 38.35
CA LYS D 144 0.36 14.19 37.90
C LYS D 144 -0.71 14.40 36.87
N THR D 145 -1.29 15.58 36.84
CA THR D 145 -2.27 15.91 35.84
C THR D 145 -1.53 16.10 34.51
N GLU D 146 -0.43 16.84 34.59
CA GLU D 146 0.41 17.11 33.43
C GLU D 146 0.86 15.77 32.84
N LEU D 147 1.28 14.85 33.70
CA LEU D 147 1.71 13.54 33.24
C LEU D 147 0.59 12.80 32.55
N GLY D 148 -0.55 12.75 33.19
CA GLY D 148 -1.68 11.98 32.64
C GLY D 148 -2.11 12.47 31.27
N CYS D 149 -2.14 13.78 31.09
CA CYS D 149 -2.42 14.39 29.77
C CYS D 149 -1.36 14.03 28.71
N LEU D 150 -0.07 14.06 29.08
CA LEU D 150 0.95 13.59 28.15
C LEU D 150 0.68 12.14 27.74
N ARG D 151 0.32 11.29 28.69
CA ARG D 151 0.15 9.87 28.37
C ARG D 151 -1.13 9.66 27.61
N ALA D 152 -2.12 10.50 27.87
CA ALA D 152 -3.34 10.40 27.08
C ALA D 152 -3.05 10.78 25.60
N ILE D 153 -2.22 11.81 25.40
CA ILE D 153 -1.76 12.22 24.07
C ILE D 153 -1.02 11.09 23.37
N ILE D 154 -0.14 10.45 24.11
CA ILE D 154 0.61 9.31 23.58
C ILE D 154 -0.35 8.21 23.18
N LEU D 155 -1.30 7.92 24.06
CA LEU D 155 -2.32 6.94 23.82
C LEU D 155 -3.12 7.22 22.55
N PHE D 156 -3.66 8.42 22.41
CA PHE D 156 -4.52 8.71 21.26
C PHE D 156 -3.71 9.05 20.06
N ASN D 157 -3.06 8.04 19.48
CA ASN D 157 -2.14 8.22 18.35
C ASN D 157 -2.85 7.96 17.03
N PRO D 158 -3.21 9.02 16.31
CA PRO D 158 -3.93 8.75 15.05
C PRO D 158 -3.07 8.10 13.95
N ASP D 159 -1.75 8.02 14.15
CA ASP D 159 -0.86 7.39 13.16
C ASP D 159 -0.62 5.89 13.39
N ALA D 160 -1.23 5.30 14.41
CA ALA D 160 -1.12 3.85 14.63
C ALA D 160 -1.77 3.08 13.48
N LYS D 161 -1.06 2.10 12.95
CA LYS D 161 -1.51 1.41 11.76
C LYS D 161 -2.78 0.59 11.97
N GLY D 162 -3.70 0.71 11.01
CA GLY D 162 -4.87 -0.16 10.93
C GLY D 162 -6.03 0.34 11.75
N LEU D 163 -6.02 1.61 12.12
CA LEU D 163 -7.17 2.19 12.80
C LEU D 163 -8.32 2.27 11.80
N SER D 164 -9.52 1.89 12.24
CA SER D 164 -10.72 2.07 11.43
C SER D 164 -10.99 3.58 11.17
N ASN D 165 -10.92 4.41 12.21
CA ASN D 165 -11.08 5.87 12.00
C ASN D 165 -10.02 6.76 12.68
N PRO D 166 -8.92 7.04 11.96
CA PRO D 166 -7.88 7.96 12.45
C PRO D 166 -8.40 9.35 12.88
N SER D 167 -9.37 9.90 12.16
CA SER D 167 -9.90 11.22 12.49
C SER D 167 -10.45 11.24 13.90
N GLU D 168 -11.24 10.22 14.25
CA GLU D 168 -11.85 10.12 15.59
C GLU D 168 -10.79 10.24 16.68
N VAL D 169 -9.69 9.51 16.50
CA VAL D 169 -8.56 9.49 17.44
C VAL D 169 -7.79 10.83 17.45
N GLU D 170 -7.62 11.44 16.28
CA GLU D 170 -6.95 12.75 16.18
C GLU D 170 -7.72 13.78 17.00
N VAL D 171 -9.03 13.78 16.86
CA VAL D 171 -9.89 14.71 17.60
C VAL D 171 -9.76 14.54 19.10
N LEU D 172 -9.70 13.31 19.58
CA LEU D 172 -9.47 13.07 21.01
C LEU D 172 -8.13 13.58 21.45
N ARG D 173 -7.11 13.34 20.65
CA ARG D 173 -5.80 13.86 20.98
C ARG D 173 -5.86 15.37 21.10
N GLU D 174 -6.49 16.01 20.13
CA GLU D 174 -6.63 17.45 20.12
C GLU D 174 -7.44 18.00 21.30
N LYS D 175 -8.45 17.27 21.74
CA LYS D 175 -9.10 17.63 22.97
C LYS D 175 -8.13 17.61 24.12
N VAL D 176 -7.29 16.58 24.21
CA VAL D 176 -6.23 16.60 25.26
C VAL D 176 -5.29 17.83 25.12
N TYR D 177 -4.87 18.21 23.91
CA TYR D 177 -4.11 19.45 23.78
C TYR D 177 -4.83 20.61 24.46
N ALA D 178 -6.11 20.77 24.13
CA ALA D 178 -6.87 21.93 24.64
C ALA D 178 -6.99 21.95 26.17
N SER D 179 -7.34 20.79 26.76
CA SER D 179 -7.54 20.72 28.22
C SER D 179 -6.26 20.95 28.94
N LEU D 180 -5.17 20.42 28.40
CA LEU D 180 -3.87 20.56 29.03
C LEU D 180 -3.37 21.97 28.97
N GLU D 181 -3.46 22.64 27.81
CA GLU D 181 -3.11 24.07 27.74
C GLU D 181 -3.90 24.88 28.78
N THR D 182 -5.20 24.64 28.82
CA THR D 182 -6.09 25.33 29.76
C THR D 182 -5.59 25.14 31.19
N TYR D 183 -5.41 23.88 31.58
CA TYR D 183 -4.90 23.57 32.91
C TYR D 183 -3.58 24.30 33.22
N CYS D 184 -2.67 24.32 32.25
CA CYS D 184 -1.39 25.01 32.41
C CYS D 184 -1.49 26.52 32.60
N LYS D 185 -2.43 27.16 31.90
CA LYS D 185 -2.65 28.61 32.05
C LYS D 185 -3.26 28.97 33.40
N GLN D 186 -4.27 28.20 33.83
CA GLN D 186 -4.89 28.36 35.15
C GLN D 186 -3.91 28.08 36.30
N LYS D 187 -3.31 26.89 36.33
CA LYS D 187 -2.51 26.50 37.48
C LYS D 187 -1.12 27.12 37.50
N TYR D 188 -0.53 27.39 36.34
CA TYR D 188 0.84 27.92 36.31
C TYR D 188 0.92 29.19 35.45
N PRO D 189 0.09 30.22 35.75
CA PRO D 189 -0.03 31.43 34.92
C PRO D 189 1.25 32.25 34.79
N GLU D 190 2.11 32.20 35.80
CA GLU D 190 3.42 32.85 35.76
C GLU D 190 4.41 32.17 34.75
N GLN D 191 4.10 30.94 34.29
CA GLN D 191 4.98 30.14 33.40
C GLN D 191 4.41 29.97 32.00
N GLN D 192 4.72 30.93 31.15
CA GLN D 192 4.02 31.10 29.88
C GLN D 192 4.44 30.07 28.83
N GLY D 193 5.61 29.47 29.01
CA GLY D 193 6.11 28.50 28.08
C GLY D 193 5.93 27.07 28.57
N ARG D 194 5.07 26.87 29.57
CA ARG D 194 5.00 25.58 30.27
C ARG D 194 4.31 24.50 29.44
N PHE D 195 3.22 24.86 28.77
CA PHE D 195 2.54 23.94 27.87
C PHE D 195 3.53 23.36 26.86
N ALA D 196 4.25 24.24 26.17
CA ALA D 196 5.20 23.82 25.16
C ALA D 196 6.33 22.97 25.76
N LYS D 197 6.82 23.31 26.95
CA LYS D 197 7.86 22.50 27.58
C LYS D 197 7.41 21.06 27.78
N LEU D 198 6.15 20.87 28.14
CA LEU D 198 5.62 19.55 28.32
C LEU D 198 5.61 18.80 27.02
N LEU D 199 5.02 19.42 26.00
CA LEU D 199 4.91 18.80 24.70
C LEU D 199 6.25 18.47 24.09
N LEU D 200 7.25 19.29 24.34
CA LEU D 200 8.60 19.05 23.83
C LEU D 200 9.36 17.93 24.54
N ARG D 201 8.76 17.27 25.51
CA ARG D 201 9.34 16.02 26.02
C ARG D 201 8.96 14.86 25.09
N LEU D 202 7.91 15.00 24.30
CA LEU D 202 7.44 13.86 23.52
C LEU D 202 8.35 13.39 22.37
N PRO D 203 9.00 14.31 21.65
CA PRO D 203 9.99 13.83 20.66
C PRO D 203 11.08 12.98 21.32
N ALA D 204 11.61 13.50 22.42
CA ALA D 204 12.63 12.79 23.15
C ALA D 204 12.07 11.45 23.59
N LEU D 205 10.84 11.43 24.07
CA LEU D 205 10.23 10.19 24.49
C LEU D 205 10.03 9.18 23.35
N ARG D 206 9.68 9.66 22.17
CA ARG D 206 9.51 8.77 21.03
C ARG D 206 10.82 8.08 20.66
N SER D 207 11.94 8.82 20.63
CA SER D 207 13.21 8.24 20.20
C SER D 207 13.71 7.23 21.24
N ILE D 208 13.58 7.61 22.50
CA ILE D 208 13.86 6.75 23.61
C ILE D 208 12.99 5.50 23.58
N GLY D 209 11.71 5.65 23.29
CA GLY D 209 10.84 4.49 23.06
C GLY D 209 11.41 3.54 22.00
N LEU D 210 11.85 4.09 20.88
CA LEU D 210 12.41 3.24 19.86
C LEU D 210 13.66 2.49 20.35
N LYS D 211 14.55 3.18 21.05
CA LYS D 211 15.70 2.48 21.53
C LYS D 211 15.35 1.42 22.59
N CYS D 212 14.41 1.68 23.50
CA CYS D 212 14.05 0.65 24.50
C CYS D 212 13.42 -0.58 23.85
N LEU D 213 12.63 -0.38 22.81
CA LEU D 213 12.02 -1.48 22.11
C LEU D 213 13.09 -2.40 21.51
N GLU D 214 14.09 -1.81 20.92
CA GLU D 214 15.29 -2.52 20.47
C GLU D 214 15.83 -3.50 21.54
N HIS D 215 16.12 -2.98 22.73
CA HIS D 215 16.60 -3.83 23.80
C HIS D 215 15.66 -4.95 24.16
N LEU D 216 14.37 -4.64 24.26
CA LEU D 216 13.38 -5.67 24.54
C LEU D 216 13.38 -6.75 23.45
N PHE D 217 13.55 -6.35 22.20
CA PHE D 217 13.71 -7.34 21.16
C PHE D 217 14.99 -8.21 21.33
N PHE D 218 16.07 -7.66 21.86
CA PHE D 218 17.28 -8.47 22.11
C PHE D 218 17.08 -9.47 23.22
N PHE D 219 16.37 -9.10 24.28
CA PHE D 219 16.08 -10.05 25.36
C PHE D 219 15.20 -11.18 24.84
N LYS D 220 14.29 -10.88 23.92
CA LYS D 220 13.48 -11.92 23.34
C LYS D 220 14.36 -12.93 22.59
N LEU D 221 15.33 -12.44 21.82
CA LEU D 221 16.24 -13.29 21.08
C LEU D 221 17.26 -14.03 21.96
N ILE D 222 17.30 -13.75 23.27
CA ILE D 222 18.36 -14.24 24.16
C ILE D 222 17.87 -14.50 25.62
N GLY D 223 17.68 -15.76 25.98
CA GLY D 223 17.04 -16.12 27.27
C GLY D 223 17.78 -15.66 28.53
N ASP D 228 8.10 -13.46 29.63
CA ASP D 228 6.74 -13.41 30.21
C ASP D 228 5.57 -13.18 29.20
N THR D 229 4.42 -13.71 29.57
CA THR D 229 3.34 -13.98 28.59
C THR D 229 2.73 -12.74 27.88
N PHE D 230 2.24 -11.80 28.68
CA PHE D 230 1.66 -10.58 28.15
C PHE D 230 2.70 -9.77 27.38
N LEU D 231 3.87 -9.57 27.98
CA LEU D 231 4.95 -8.85 27.31
C LEU D 231 5.26 -9.46 25.95
N MET D 232 5.32 -10.79 25.91
CA MET D 232 5.60 -11.53 24.67
C MET D 232 4.54 -11.34 23.63
N GLU D 233 3.30 -11.34 24.08
CA GLU D 233 2.15 -11.03 23.21
C GLU D 233 2.32 -9.64 22.57
N MET D 234 2.76 -8.66 23.37
CA MET D 234 2.96 -7.31 22.86
C MET D 234 4.09 -7.24 21.85
N LEU D 235 5.16 -8.03 22.03
CA LEU D 235 6.26 -8.09 21.04
C LEU D 235 6.04 -8.90 19.74
N GLU D 236 4.83 -9.40 19.48
CA GLU D 236 4.57 -10.19 18.26
C GLU D 236 3.69 -9.39 17.28
N ALA D 237 3.82 -9.67 15.98
CA ALA D 237 2.90 -9.10 14.97
C ALA D 237 1.76 -10.09 14.69
N GLY D 242 -7.00 -13.73 15.11
CA GLY D 242 -6.63 -14.47 16.31
C GLY D 242 -5.16 -14.33 16.67
N SER D 243 -4.84 -13.39 17.56
CA SER D 243 -3.44 -13.07 17.94
C SER D 243 -3.23 -12.50 19.39
N HIS D 244 -4.09 -11.57 19.82
CA HIS D 244 -3.83 -10.74 21.01
C HIS D 244 -4.89 -11.01 22.09
N LYS D 245 -4.94 -12.29 22.47
CA LYS D 245 -5.97 -12.83 23.33
C LYS D 245 -6.03 -12.15 24.71
N ILE D 246 -4.88 -11.92 25.33
CA ILE D 246 -4.84 -11.36 26.70
C ILE D 246 -5.35 -9.93 26.70
N LEU D 247 -4.97 -9.19 25.68
CA LEU D 247 -5.40 -7.82 25.56
C LEU D 247 -6.92 -7.72 25.26
N HIS D 248 -7.40 -8.55 24.32
CA HIS D 248 -8.85 -8.63 24.01
C HIS D 248 -9.70 -8.94 25.24
N ARG D 249 -9.28 -9.95 25.99
CA ARG D 249 -10.02 -10.36 27.16
C ARG D 249 -10.05 -9.19 28.13
N LEU D 250 -8.88 -8.66 28.44
CA LEU D 250 -8.74 -7.64 29.47
C LEU D 250 -9.55 -6.37 29.23
N LEU D 251 -9.94 -6.12 27.99
CA LEU D 251 -10.87 -5.03 27.71
C LEU D 251 -12.35 -5.45 27.70
N GLN D 252 -12.77 -6.34 28.60
CA GLN D 252 -14.18 -6.81 28.70
C GLN D 252 -14.47 -7.46 30.05
#